data_7NFA
#
_entry.id   7NFA
#
_cell.length_a   37.669
_cell.length_b   69.730
_cell.length_c   89.849
_cell.angle_alpha   99.710
_cell.angle_beta   101.430
_cell.angle_gamma   105.660
#
_symmetry.space_group_name_H-M   'P 1'
#
loop_
_entity.id
_entity.type
_entity.pdbx_description
1 polymer 'A33 Fab light chain'
2 polymer 'A33 Fab heavy chain'
3 water water
#
loop_
_entity_poly.entity_id
_entity_poly.type
_entity_poly.pdbx_seq_one_letter_code
_entity_poly.pdbx_strand_id
1 'polypeptide(L)'
;DIQMTQSPSSLSASVGDRVTITCKASQNVRTVVAWYQQKPGKAPKTLIYLASNRHTGVPSRFSGSGSGTDFTLTISSLQP
EDFATYFCLQHWSYPLTFGQGTKVEIKRTVAAPSVFIFPPSDEQLKSGTASVVCLLNNFYPREAKVQWKVDNALQSGNSQ
ESVTEQDSKDSTYSLSSTLTLSKADYEKHKVYACEVTHQGLSSPVTKSFNRGEC
;
A,B
2 'polypeptide(L)'
;EVQLVESGGGLVQPGGSLRLSCAASGFAFSTYDMSWVRQAPGKGLEWVATISSGGSYTYYLDSVKGRFTISRDSSKNTLY
LQMNSLRAEDTAVYYCAPTTVVPFAYWGQGTLVTVSSASTKGPSVFPLAPSSKSTSGGTAALGCLVKDYFPEPVTVSWNS
GALTSGVHTFPAVLQSSGLYSLSSVVTVPSSSLGTQTYICNVNHKPSNTKVDKKVEPKSCDKTHTSAA
;
C,D
#
# COMPACT_ATOMS: atom_id res chain seq x y z
N ASP A 1 -13.85 -18.46 14.63
CA ASP A 1 -13.70 -17.00 14.59
C ASP A 1 -12.81 -16.63 13.43
N ILE A 2 -13.17 -15.58 12.71
CA ILE A 2 -12.38 -15.12 11.57
C ILE A 2 -11.63 -13.85 11.97
N GLN A 3 -10.31 -13.85 11.79
CA GLN A 3 -9.49 -12.68 12.08
C GLN A 3 -9.33 -11.83 10.84
N MET A 4 -9.35 -10.51 11.04
CA MET A 4 -9.19 -9.55 9.95
C MET A 4 -7.93 -8.71 10.20
N THR A 5 -6.93 -8.83 9.33
CA THR A 5 -5.61 -8.19 9.46
C THR A 5 -5.42 -7.09 8.43
N GLN A 6 -5.33 -5.85 8.90
CA GLN A 6 -5.12 -4.70 8.04
C GLN A 6 -3.65 -4.36 7.91
N SER A 7 -3.28 -3.80 6.76
CA SER A 7 -1.91 -3.40 6.43
C SER A 7 -1.98 -2.18 5.53
N PRO A 8 -1.13 -1.17 5.76
CA PRO A 8 -0.22 -1.17 6.91
C PRO A 8 -0.97 -0.60 8.12
N SER A 9 -0.41 -0.58 9.34
CA SER A 9 -1.08 0.08 10.47
C SER A 9 -1.24 1.59 10.24
N SER A 10 -0.33 2.21 9.51
CA SER A 10 -0.41 3.65 9.29
C SER A 10 0.27 3.98 7.97
N LEU A 11 0.05 5.20 7.51
CA LEU A 11 0.72 5.58 6.28
C LEU A 11 0.60 7.09 6.15
N SER A 12 1.67 7.74 5.69
CA SER A 12 1.63 9.15 5.34
C SER A 12 1.50 9.31 3.84
N ALA A 13 0.70 10.28 3.41
CA ALA A 13 0.57 10.58 2.00
C ALA A 13 0.15 12.04 1.86
N SER A 14 0.34 12.56 0.67
CA SER A 14 0.04 13.95 0.37
C SER A 14 -1.20 14.07 -0.52
N VAL A 15 -1.85 15.24 -0.42
CA VAL A 15 -3.09 15.52 -1.14
C VAL A 15 -2.90 15.21 -2.62
N GLY A 16 -3.89 14.55 -3.19
CA GLY A 16 -3.87 14.13 -4.56
C GLY A 16 -3.25 12.77 -4.78
N ASP A 17 -2.58 12.20 -3.77
CA ASP A 17 -1.88 10.94 -3.99
C ASP A 17 -2.85 9.77 -3.94
N ARG A 18 -2.34 8.61 -4.32
CA ARG A 18 -3.13 7.40 -4.42
C ARG A 18 -2.60 6.41 -3.39
N VAL A 19 -3.50 5.94 -2.52
CA VAL A 19 -3.16 5.05 -1.42
C VAL A 19 -3.93 3.74 -1.52
N THR A 20 -3.34 2.69 -0.97
CA THR A 20 -3.95 1.36 -0.99
C THR A 20 -3.73 0.65 0.33
N ILE A 21 -4.84 0.34 1.00
CA ILE A 21 -4.89 -0.37 2.27
C ILE A 21 -5.38 -1.78 1.99
N THR A 22 -4.79 -2.75 2.69
CA THR A 22 -5.12 -4.16 2.47
C THR A 22 -5.62 -4.79 3.78
N CYS A 23 -6.46 -5.83 3.63
CA CYS A 23 -7.00 -6.58 4.75
C CYS A 23 -6.92 -8.06 4.39
N LYS A 24 -6.58 -8.92 5.36
CA LYS A 24 -6.46 -10.34 5.12
C LYS A 24 -7.28 -11.11 6.15
N ALA A 25 -8.06 -12.09 5.68
CA ALA A 25 -8.95 -12.86 6.54
C ALA A 25 -8.35 -14.22 6.82
N SER A 26 -8.54 -14.70 8.05
CA SER A 26 -8.00 -15.99 8.36
C SER A 26 -8.79 -17.11 7.69
N GLN A 27 -9.85 -16.79 6.95
CA GLN A 27 -10.71 -17.79 6.31
C GLN A 27 -11.36 -17.17 5.09
N ASN A 28 -11.90 -18.04 4.24
CA ASN A 28 -12.69 -17.61 3.08
C ASN A 28 -13.95 -16.86 3.53
N VAL A 29 -14.12 -15.63 3.07
CA VAL A 29 -15.34 -14.90 3.45
C VAL A 29 -16.04 -14.37 2.20
N ARG A 30 -15.72 -14.98 1.05
CA ARG A 30 -16.39 -14.73 -0.22
C ARG A 30 -16.23 -13.24 -0.51
N THR A 31 -17.29 -12.46 -0.64
CA THR A 31 -17.18 -11.02 -0.87
C THR A 31 -17.82 -10.23 0.28
N VAL A 32 -18.07 -10.89 1.39
CA VAL A 32 -18.83 -10.33 2.48
C VAL A 32 -17.89 -9.56 3.39
N VAL A 33 -17.39 -8.43 2.89
CA VAL A 33 -16.44 -7.58 3.58
C VAL A 33 -16.84 -6.14 3.35
N ALA A 34 -16.76 -5.34 4.41
CA ALA A 34 -17.06 -3.92 4.34
C ALA A 34 -15.89 -3.11 4.88
N TRP A 35 -15.94 -1.81 4.61
CA TRP A 35 -14.91 -0.84 4.94
C TRP A 35 -15.56 0.41 5.54
N TYR A 36 -14.92 0.96 6.59
CA TYR A 36 -15.45 2.12 7.30
C TYR A 36 -14.37 3.17 7.50
N GLN A 37 -14.79 4.42 7.57
CA GLN A 37 -13.91 5.54 7.72
C GLN A 37 -14.20 6.27 9.03
N GLN A 38 -13.16 6.52 9.83
CA GLN A 38 -13.38 7.33 11.02
C GLN A 38 -12.29 8.39 11.20
N LYS A 39 -12.72 9.65 11.32
CA LYS A 39 -11.95 10.82 11.70
C LYS A 39 -11.91 10.93 13.23
N PRO A 40 -10.78 11.37 13.77
CA PRO A 40 -10.61 11.42 15.23
C PRO A 40 -11.73 12.20 15.93
N GLY A 41 -12.17 11.68 17.06
CA GLY A 41 -13.26 12.28 17.82
C GLY A 41 -14.65 12.08 17.26
N LYS A 42 -14.80 11.42 16.11
CA LYS A 42 -16.07 11.37 15.39
C LYS A 42 -16.65 9.95 15.28
N ALA A 43 -17.93 9.90 14.97
CA ALA A 43 -18.57 8.63 14.60
C ALA A 43 -18.07 8.13 13.24
N PRO A 44 -18.06 6.80 13.02
CA PRO A 44 -17.65 6.25 11.71
C PRO A 44 -18.61 6.62 10.61
N LYS A 45 -18.11 6.48 9.38
CA LYS A 45 -18.90 6.57 8.17
C LYS A 45 -18.64 5.31 7.36
N THR A 46 -19.71 4.67 6.88
CA THR A 46 -19.58 3.43 6.09
C THR A 46 -19.25 3.76 4.64
N LEU A 47 -18.26 3.06 4.07
CA LEU A 47 -17.76 3.42 2.73
C LEU A 47 -18.09 2.38 1.67
N ILE A 48 -17.69 1.14 1.91
CA ILE A 48 -17.74 0.05 0.94
C ILE A 48 -18.51 -1.09 1.57
N TYR A 49 -19.38 -1.74 0.78
CA TYR A 49 -20.09 -2.95 1.17
C TYR A 49 -19.87 -4.05 0.13
N LEU A 50 -19.93 -5.29 0.62
CA LEU A 50 -19.66 -6.50 -0.18
C LEU A 50 -18.47 -6.30 -1.12
N ALA A 51 -17.33 -5.97 -0.49
CA ALA A 51 -15.99 -5.91 -1.07
C ALA A 51 -15.78 -4.76 -2.04
N SER A 52 -16.76 -4.43 -2.88
CA SER A 52 -16.43 -3.53 -3.97
C SER A 52 -17.48 -2.49 -4.31
N ASN A 53 -18.49 -2.28 -3.48
CA ASN A 53 -19.57 -1.35 -3.79
C ASN A 53 -19.50 -0.09 -2.93
N ARG A 54 -19.57 1.06 -3.57
CA ARG A 54 -19.65 2.28 -2.80
C ARG A 54 -21.02 2.42 -2.13
N HIS A 55 -21.00 2.69 -0.83
CA HIS A 55 -22.22 3.05 -0.14
C HIS A 55 -22.68 4.43 -0.59
N THR A 56 -23.91 4.78 -0.22
CA THR A 56 -24.51 6.01 -0.70
C THR A 56 -23.68 7.23 -0.31
N GLY A 57 -23.59 8.19 -1.21
CA GLY A 57 -22.84 9.40 -0.91
C GLY A 57 -21.33 9.28 -0.95
N VAL A 58 -20.78 8.10 -1.26
CA VAL A 58 -19.33 7.91 -1.28
C VAL A 58 -18.74 8.25 -2.65
N PRO A 59 -17.74 9.13 -2.72
CA PRO A 59 -17.25 9.62 -4.01
C PRO A 59 -16.46 8.58 -4.80
N SER A 60 -16.29 8.89 -6.10
CA SER A 60 -15.72 7.98 -7.09
C SER A 60 -14.29 7.53 -6.75
N ARG A 61 -13.49 8.43 -6.16
CA ARG A 61 -12.11 8.10 -5.85
C ARG A 61 -11.98 6.85 -4.99
N PHE A 62 -12.99 6.52 -4.21
CA PHE A 62 -12.94 5.34 -3.35
C PHE A 62 -13.30 4.09 -4.13
N SER A 63 -12.57 3.02 -3.87
CA SER A 63 -12.92 1.80 -4.56
C SER A 63 -12.38 0.62 -3.76
N GLY A 64 -13.17 -0.42 -3.66
CA GLY A 64 -12.69 -1.62 -3.01
C GLY A 64 -12.73 -2.77 -3.97
N SER A 65 -11.95 -3.82 -3.69
CA SER A 65 -11.95 -4.98 -4.56
C SER A 65 -11.33 -6.11 -3.79
N GLY A 66 -11.61 -7.33 -4.21
CA GLY A 66 -10.97 -8.48 -3.64
C GLY A 66 -11.97 -9.56 -3.40
N SER A 67 -11.49 -10.72 -2.99
CA SER A 67 -12.31 -11.91 -2.91
C SER A 67 -11.58 -12.95 -2.08
N GLY A 68 -12.36 -13.86 -1.48
CA GLY A 68 -11.83 -14.96 -0.68
C GLY A 68 -11.21 -14.54 0.65
N THR A 69 -9.93 -14.18 0.60
CA THR A 69 -9.22 -13.71 1.78
C THR A 69 -8.40 -12.46 1.54
N ASP A 70 -8.39 -11.90 0.33
CA ASP A 70 -7.47 -10.81 0.00
C ASP A 70 -8.22 -9.56 -0.47
N PHE A 71 -8.36 -8.57 0.41
CA PHE A 71 -9.19 -7.41 0.13
C PHE A 71 -8.38 -6.13 0.20
N THR A 72 -8.89 -5.15 -0.52
CA THR A 72 -8.20 -3.90 -0.80
C THR A 72 -9.16 -2.73 -0.79
N LEU A 73 -8.73 -1.65 -0.16
CA LEU A 73 -9.38 -0.35 -0.31
C LEU A 73 -8.42 0.52 -1.10
N THR A 74 -8.94 1.21 -2.11
CA THR A 74 -8.10 2.10 -2.90
C THR A 74 -8.73 3.47 -2.85
N ILE A 75 -7.93 4.48 -2.54
CA ILE A 75 -8.35 5.87 -2.71
C ILE A 75 -7.49 6.42 -3.85
N SER A 76 -8.15 6.92 -4.89
CA SER A 76 -7.40 7.32 -6.09
C SER A 76 -6.73 8.67 -5.93
N SER A 77 -7.13 9.45 -4.93
CA SER A 77 -6.66 10.82 -4.86
C SER A 77 -7.01 11.46 -3.54
N LEU A 78 -6.18 11.26 -2.53
CA LEU A 78 -6.47 11.77 -1.19
C LEU A 78 -6.82 13.24 -1.22
N GLN A 79 -7.98 13.57 -0.67
CA GLN A 79 -8.44 14.92 -0.39
C GLN A 79 -8.36 15.20 1.09
N PRO A 80 -8.57 16.43 1.55
CA PRO A 80 -8.49 16.69 3.00
C PRO A 80 -9.47 15.86 3.81
N GLU A 81 -10.69 15.66 3.32
CA GLU A 81 -11.68 14.86 4.04
C GLU A 81 -11.25 13.41 4.20
N ASP A 82 -10.24 12.93 3.47
CA ASP A 82 -9.95 11.50 3.46
C ASP A 82 -8.87 11.09 4.45
N PHE A 83 -8.34 12.02 5.20
CA PHE A 83 -7.33 11.68 6.18
C PHE A 83 -8.08 11.26 7.45
N ALA A 84 -7.93 10.00 7.82
CA ALA A 84 -8.79 9.39 8.81
C ALA A 84 -8.31 7.97 9.00
N THR A 85 -8.97 7.22 9.88
CA THR A 85 -8.67 5.81 10.09
C THR A 85 -9.73 4.95 9.40
N TYR A 86 -9.28 3.88 8.74
CA TYR A 86 -10.12 3.02 7.91
C TYR A 86 -10.13 1.62 8.49
N PHE A 87 -11.32 1.02 8.63
CA PHE A 87 -11.44 -0.32 9.19
C PHE A 87 -12.05 -1.24 8.15
N CYS A 88 -11.59 -2.49 8.11
CA CYS A 88 -12.30 -3.52 7.37
C CYS A 88 -13.10 -4.42 8.32
N LEU A 89 -14.13 -5.06 7.75
CA LEU A 89 -14.96 -5.95 8.55
C LEU A 89 -15.34 -7.16 7.73
N GLN A 90 -15.30 -8.32 8.38
CA GLN A 90 -15.93 -9.51 7.85
C GLN A 90 -17.22 -9.74 8.62
N HIS A 91 -18.30 -10.01 7.88
CA HIS A 91 -19.59 -10.45 8.40
C HIS A 91 -20.07 -11.69 7.66
N TRP A 92 -19.12 -12.55 7.30
CA TRP A 92 -19.45 -13.87 6.78
C TRP A 92 -20.04 -14.74 7.88
N SER A 93 -19.46 -14.66 9.09
CA SER A 93 -19.90 -15.46 10.23
C SER A 93 -19.74 -14.64 11.50
N TYR A 94 -20.58 -14.93 12.48
CA TYR A 94 -20.42 -14.36 13.80
C TYR A 94 -19.30 -15.10 14.52
N PRO A 95 -18.52 -14.40 15.35
CA PRO A 95 -18.58 -12.95 15.58
C PRO A 95 -18.11 -12.08 14.41
N LEU A 96 -18.77 -10.95 14.23
CA LEU A 96 -18.28 -10.01 13.24
C LEU A 96 -16.98 -9.44 13.78
N THR A 97 -15.95 -9.36 12.97
CA THR A 97 -14.66 -8.91 13.45
C THR A 97 -14.14 -7.81 12.56
N PHE A 98 -13.69 -6.73 13.19
CA PHE A 98 -13.11 -5.61 12.51
C PHE A 98 -11.62 -5.88 12.42
N GLY A 99 -10.95 -5.16 11.51
CA GLY A 99 -9.51 -5.09 11.57
C GLY A 99 -9.04 -4.00 12.50
N GLN A 100 -7.75 -4.05 12.84
CA GLN A 100 -7.23 -3.05 13.76
C GLN A 100 -7.19 -1.67 13.15
N GLY A 101 -7.40 -1.53 11.85
CA GLY A 101 -7.38 -0.15 11.38
C GLY A 101 -6.04 0.23 10.77
N THR A 102 -6.10 1.17 9.82
CA THR A 102 -4.92 1.82 9.30
C THR A 102 -5.20 3.29 9.42
N LYS A 103 -4.29 4.02 10.04
CA LYS A 103 -4.42 5.46 10.18
C LYS A 103 -3.77 6.09 8.97
N VAL A 104 -4.47 7.01 8.35
CA VAL A 104 -3.95 7.68 7.17
C VAL A 104 -3.77 9.14 7.54
N GLU A 105 -2.54 9.64 7.41
CA GLU A 105 -2.22 11.00 7.84
C GLU A 105 -1.53 11.77 6.72
N ILE A 106 -1.57 13.10 6.83
CA ILE A 106 -1.08 14.00 5.78
C ILE A 106 0.44 14.09 5.83
N LYS A 107 1.10 13.77 4.70
CA LYS A 107 2.51 14.08 4.51
C LYS A 107 2.73 15.56 4.16
N ARG A 108 3.60 16.22 4.91
CA ARG A 108 3.98 17.61 4.64
C ARG A 108 5.47 17.75 4.91
N THR A 109 5.95 19.00 4.89
CA THR A 109 7.37 19.28 5.06
C THR A 109 7.72 19.47 6.52
N VAL A 110 9.01 19.30 6.82
CA VAL A 110 9.51 19.47 8.18
C VAL A 110 9.16 20.86 8.68
N ALA A 111 8.70 20.93 9.93
CA ALA A 111 8.52 22.19 10.61
C ALA A 111 8.97 22.00 12.06
N ALA A 112 9.83 22.90 12.51
CA ALA A 112 10.39 22.79 13.84
C ALA A 112 9.45 23.36 14.89
N PRO A 113 9.45 22.78 16.09
CA PRO A 113 8.55 23.24 17.15
C PRO A 113 8.95 24.58 17.71
N SER A 114 7.96 25.40 18.03
CA SER A 114 8.14 26.55 18.89
C SER A 114 8.01 26.12 20.36
N VAL A 115 9.04 26.36 21.17
CA VAL A 115 9.06 25.76 22.49
C VAL A 115 8.76 26.81 23.53
N PHE A 116 7.94 26.45 24.50
CA PHE A 116 7.51 27.32 25.58
C PHE A 116 7.48 26.49 26.86
N ILE A 117 7.75 27.14 27.99
CA ILE A 117 7.71 26.50 29.30
C ILE A 117 6.89 27.35 30.24
N PHE A 118 6.22 26.69 31.18
CA PHE A 118 5.25 27.32 32.05
C PHE A 118 5.53 26.83 33.46
N PRO A 119 5.99 27.68 34.37
CA PRO A 119 6.14 27.26 35.74
C PRO A 119 4.76 27.06 36.33
N PRO A 120 4.64 26.32 37.43
CA PRO A 120 3.35 26.24 38.12
C PRO A 120 2.87 27.64 38.50
N SER A 121 1.62 27.94 38.14
CA SER A 121 1.07 29.25 38.47
C SER A 121 0.88 29.35 39.97
N ASP A 122 0.79 30.60 40.44
CA ASP A 122 0.64 30.87 41.87
C ASP A 122 -0.63 30.24 42.43
N GLU A 123 -1.71 30.20 41.62
CA GLU A 123 -2.95 29.57 42.08
C GLU A 123 -2.75 28.08 42.35
N GLN A 124 -2.02 27.37 41.48
CA GLN A 124 -1.75 25.95 41.70
C GLN A 124 -0.89 25.72 42.93
N LEU A 125 0.21 26.49 43.05
CA LEU A 125 1.14 26.35 44.16
C LEU A 125 0.43 26.52 45.48
N LYS A 126 -0.58 27.38 45.52
CA LYS A 126 -1.42 27.60 46.69
C LYS A 126 -2.34 26.42 46.97
N SER A 127 -1.88 25.20 46.70
CA SER A 127 -2.78 24.06 46.79
C SER A 127 -2.01 22.77 47.05
N GLY A 128 -0.68 22.86 47.04
CA GLY A 128 0.14 21.72 47.39
C GLY A 128 0.54 20.79 46.28
N THR A 129 0.51 21.26 45.02
CA THR A 129 1.01 20.50 43.88
C THR A 129 1.62 21.47 42.88
N ALA A 130 2.68 21.03 42.21
CA ALA A 130 3.32 21.81 41.17
C ALA A 130 3.30 21.03 39.85
N SER A 131 3.03 21.76 38.77
CA SER A 131 2.99 21.18 37.43
C SER A 131 3.81 22.10 36.52
N VAL A 132 4.92 21.58 36.02
CA VAL A 132 5.73 22.31 35.05
C VAL A 132 5.41 21.75 33.70
N VAL A 133 5.04 22.62 32.77
CA VAL A 133 4.52 22.22 31.48
C VAL A 133 5.46 22.70 30.38
N CYS A 134 5.85 21.79 29.52
CA CYS A 134 6.68 22.11 28.39
C CYS A 134 5.82 21.92 27.15
N LEU A 135 5.68 23.00 26.37
CA LEU A 135 4.81 23.06 25.20
C LEU A 135 5.65 23.03 23.94
N LEU A 136 5.30 22.14 23.03
CA LEU A 136 5.90 22.08 21.70
C LEU A 136 4.80 22.33 20.67
N ASN A 137 4.98 23.36 19.85
CA ASN A 137 3.88 23.86 19.03
C ASN A 137 4.16 23.68 17.54
N ASN A 138 3.22 23.03 16.85
CA ASN A 138 3.15 23.09 15.40
C ASN A 138 4.43 22.60 14.74
N PHE A 139 4.65 21.29 14.80
CA PHE A 139 5.84 20.69 14.25
C PHE A 139 5.48 19.47 13.42
N TYR A 140 6.38 19.12 12.49
CA TYR A 140 6.28 17.90 11.72
C TYR A 140 7.68 17.43 11.40
N PRO A 141 7.95 16.13 11.40
CA PRO A 141 7.13 14.96 11.67
C PRO A 141 6.86 14.76 13.16
N ARG A 142 6.04 13.74 13.47
CA ARG A 142 5.54 13.63 14.83
C ARG A 142 6.68 13.34 15.81
N GLU A 143 7.72 12.65 15.38
CA GLU A 143 8.74 12.18 16.31
C GLU A 143 9.46 13.38 16.96
N ALA A 144 9.58 13.33 18.28
CA ALA A 144 10.16 14.41 19.07
C ALA A 144 10.60 13.84 20.41
N LYS A 145 11.70 14.36 20.95
CA LYS A 145 12.16 13.93 22.26
C LYS A 145 12.22 15.12 23.21
N VAL A 146 11.69 14.95 24.42
CA VAL A 146 11.67 16.05 25.38
C VAL A 146 12.23 15.53 26.69
N GLN A 147 13.29 16.15 27.16
CA GLN A 147 13.95 15.78 28.42
C GLN A 147 13.88 16.88 29.46
N TRP A 148 13.71 16.47 30.70
CA TRP A 148 13.67 17.37 31.82
C TRP A 148 14.97 17.34 32.63
N LYS A 149 15.46 18.54 32.97
CA LYS A 149 16.64 18.71 33.81
C LYS A 149 16.22 19.59 34.98
N VAL A 150 16.41 19.11 36.19
CA VAL A 150 16.13 19.90 37.38
C VAL A 150 17.44 20.07 38.14
N ASP A 151 17.97 21.30 38.13
CA ASP A 151 19.31 21.65 38.62
C ASP A 151 20.39 20.83 37.92
N ASN A 152 20.24 20.73 36.60
CA ASN A 152 21.14 20.01 35.71
C ASN A 152 21.07 18.49 35.89
N ALA A 153 20.13 17.98 36.67
CA ALA A 153 19.95 16.53 36.85
C ALA A 153 18.79 16.03 35.96
N LEU A 154 19.04 14.96 35.21
CA LEU A 154 18.05 14.41 34.28
C LEU A 154 16.96 13.64 35.00
N GLN A 155 15.70 13.90 34.64
CA GLN A 155 14.58 13.19 35.25
C GLN A 155 14.19 11.97 34.42
N SER A 156 13.63 10.99 35.11
CA SER A 156 13.06 9.85 34.41
C SER A 156 11.90 9.31 35.23
N GLY A 157 10.79 9.01 34.57
CA GLY A 157 9.64 8.39 35.19
C GLY A 157 8.56 9.33 35.66
N ASN A 158 8.84 10.62 35.75
CA ASN A 158 7.95 11.56 36.42
C ASN A 158 7.34 12.62 35.50
N SER A 159 7.46 12.47 34.17
CA SER A 159 6.84 13.39 33.23
C SER A 159 5.81 12.62 32.41
N GLN A 160 4.78 13.31 31.92
CA GLN A 160 3.74 12.70 31.08
C GLN A 160 3.56 13.51 29.80
N GLU A 161 3.55 12.80 28.66
CA GLU A 161 3.44 13.41 27.35
C GLU A 161 2.04 13.23 26.79
N SER A 162 1.59 14.23 26.05
CA SER A 162 0.34 14.17 25.29
C SER A 162 0.54 14.91 23.98
N VAL A 163 -0.10 14.41 22.93
CA VAL A 163 0.10 14.88 21.56
C VAL A 163 -1.28 15.03 20.90
N THR A 164 -1.48 16.16 20.26
CA THR A 164 -2.68 16.40 19.48
C THR A 164 -2.67 15.58 18.18
N GLU A 165 -3.84 15.51 17.56
CA GLU A 165 -3.96 14.95 16.23
C GLU A 165 -3.38 15.93 15.20
N GLN A 166 -2.95 15.39 14.06
CA GLN A 166 -2.60 16.22 12.93
C GLN A 166 -3.60 17.34 12.77
N ASP A 167 -3.12 18.59 12.81
CA ASP A 167 -4.00 19.75 12.73
C ASP A 167 -4.60 19.82 11.33
N SER A 168 -5.79 20.37 11.25
CA SER A 168 -6.50 20.32 9.99
C SER A 168 -6.10 21.47 9.06
N LYS A 169 -5.62 22.58 9.61
CA LYS A 169 -5.16 23.66 8.76
C LYS A 169 -3.78 23.37 8.16
N ASP A 170 -2.76 23.21 9.01
CA ASP A 170 -1.38 23.12 8.54
C ASP A 170 -0.75 21.74 8.63
N SER A 171 -1.48 20.75 9.13
CA SER A 171 -1.01 19.37 9.13
C SER A 171 0.13 19.14 10.11
N THR A 172 0.25 19.97 11.14
CA THR A 172 1.24 19.71 12.18
C THR A 172 0.60 19.07 13.41
N TYR A 173 1.48 18.55 14.23
CA TYR A 173 1.26 18.09 15.59
C TYR A 173 1.73 19.14 16.58
N SER A 174 1.22 19.02 17.81
CA SER A 174 1.71 19.74 18.99
C SER A 174 1.74 18.76 20.17
N LEU A 175 2.57 19.07 21.17
CA LEU A 175 2.84 18.13 22.25
C LEU A 175 2.97 18.89 23.57
N SER A 176 2.44 18.32 24.65
CA SER A 176 2.64 18.80 26.00
C SER A 176 3.44 17.77 26.80
N SER A 177 4.43 18.25 27.56
CA SER A 177 5.16 17.42 28.51
C SER A 177 5.01 18.04 29.89
N THR A 178 4.45 17.29 30.80
CA THR A 178 4.08 17.85 32.09
C THR A 178 4.86 17.13 33.17
N LEU A 179 5.72 17.86 33.86
CA LEU A 179 6.49 17.33 34.97
C LEU A 179 5.67 17.51 36.24
N THR A 180 5.36 16.41 36.90
CA THR A 180 4.41 16.45 38.00
C THR A 180 5.17 16.28 39.31
N LEU A 181 4.98 17.24 40.23
CA LEU A 181 5.78 17.27 41.44
C LEU A 181 4.98 17.79 42.64
N SER A 182 5.36 17.29 43.82
CA SER A 182 4.87 17.87 45.07
C SER A 182 5.21 19.36 45.11
N LYS A 183 4.35 20.13 45.78
CA LYS A 183 4.73 21.52 46.05
C LYS A 183 6.05 21.53 46.81
N ALA A 184 6.25 20.55 47.69
CA ALA A 184 7.49 20.42 48.46
C ALA A 184 8.70 20.18 47.56
N ASP A 185 8.79 19.00 46.96
CA ASP A 185 9.99 18.64 46.20
C ASP A 185 10.22 19.62 45.05
N TYR A 186 9.18 20.30 44.58
CA TYR A 186 9.35 21.27 43.50
C TYR A 186 10.12 22.50 43.98
N GLU A 187 9.91 22.91 45.21
CA GLU A 187 10.59 24.12 45.67
C GLU A 187 11.94 23.82 46.28
N LYS A 188 12.23 22.54 46.55
CA LYS A 188 13.58 22.16 46.92
C LYS A 188 14.57 22.55 45.83
N HIS A 189 14.13 22.54 44.57
CA HIS A 189 15.05 22.70 43.44
C HIS A 189 14.86 24.05 42.76
N LYS A 190 15.91 24.51 42.10
CA LYS A 190 16.03 25.92 41.72
C LYS A 190 15.90 26.21 40.23
N VAL A 191 16.53 25.44 39.34
CA VAL A 191 16.51 25.74 37.91
C VAL A 191 15.75 24.61 37.19
N TYR A 192 14.74 24.99 36.40
CA TYR A 192 13.93 24.02 35.66
C TYR A 192 14.12 24.25 34.18
N ALA A 193 14.35 23.16 33.43
CA ALA A 193 14.49 23.27 31.98
C ALA A 193 13.94 22.02 31.29
N CYS A 194 13.40 22.19 30.09
CA CYS A 194 13.13 21.05 29.20
C CYS A 194 13.91 21.24 27.91
N GLU A 195 14.56 20.18 27.46
CA GLU A 195 15.32 20.16 26.21
C GLU A 195 14.53 19.41 25.13
N VAL A 196 14.39 20.03 23.97
CA VAL A 196 13.63 19.47 22.86
C VAL A 196 14.59 19.11 21.74
N THR A 197 14.55 17.85 21.32
CA THR A 197 15.22 17.39 20.13
C THR A 197 14.17 17.21 19.04
N HIS A 198 14.40 17.83 17.89
CA HIS A 198 13.48 17.61 16.78
C HIS A 198 14.23 17.75 15.48
N GLN A 199 13.83 16.95 14.51
CA GLN A 199 14.50 16.95 13.23
C GLN A 199 14.50 18.32 12.58
N GLY A 200 13.50 19.11 12.82
CA GLY A 200 13.62 20.40 12.18
C GLY A 200 14.43 21.42 12.94
N LEU A 201 15.00 21.03 14.07
CA LEU A 201 15.86 21.91 14.85
C LEU A 201 17.31 21.64 14.47
N SER A 202 18.03 22.70 14.07
CA SER A 202 19.46 22.55 13.83
C SER A 202 20.18 22.13 15.10
N SER A 203 19.79 22.72 16.24
CA SER A 203 20.33 22.40 17.55
C SER A 203 19.20 22.02 18.49
N PRO A 204 19.43 21.07 19.42
CA PRO A 204 18.44 20.86 20.49
C PRO A 204 18.15 22.18 21.20
N VAL A 205 16.91 22.35 21.63
CA VAL A 205 16.47 23.61 22.22
C VAL A 205 16.26 23.38 23.70
N THR A 206 16.52 24.42 24.47
CA THR A 206 16.30 24.42 25.90
C THR A 206 15.50 25.67 26.25
N LYS A 207 14.53 25.52 27.11
CA LYS A 207 13.82 26.65 27.68
C LYS A 207 13.88 26.43 29.17
N SER A 208 14.24 27.47 29.91
CA SER A 208 14.49 27.34 31.32
C SER A 208 13.72 28.39 32.08
N PHE A 209 13.50 28.10 33.35
CA PHE A 209 13.22 29.16 34.29
C PHE A 209 13.86 28.84 35.65
N ASN A 210 14.03 29.90 36.41
CA ASN A 210 14.36 29.81 37.82
C ASN A 210 13.09 30.10 38.61
N ARG A 211 12.85 29.30 39.64
CA ARG A 211 11.62 29.35 40.41
C ARG A 211 11.16 30.78 40.77
N GLY A 212 12.03 31.57 41.35
CA GLY A 212 11.47 32.80 41.89
C GLY A 212 11.20 33.95 40.94
N GLU A 213 11.31 33.77 39.62
CA GLU A 213 11.22 34.91 38.69
C GLU A 213 9.77 35.18 38.28
N GLU B 1 -32.72 10.48 5.88
CA GLU B 1 -33.41 11.15 6.97
C GLU B 1 -32.83 10.42 8.17
N VAL B 2 -32.04 9.39 7.87
CA VAL B 2 -31.69 8.39 8.86
C VAL B 2 -31.11 9.06 10.08
N GLN B 3 -31.68 8.74 11.24
CA GLN B 3 -31.25 9.31 12.50
C GLN B 3 -31.25 8.24 13.59
N LEU B 4 -30.14 8.19 14.34
CA LEU B 4 -29.90 7.23 15.40
C LEU B 4 -29.35 7.99 16.59
N VAL B 5 -30.01 7.88 17.74
CA VAL B 5 -29.65 8.62 18.95
C VAL B 5 -29.51 7.62 20.10
N GLU B 6 -28.28 7.35 20.50
CA GLU B 6 -27.99 6.53 21.68
C GLU B 6 -28.08 7.32 22.97
N SER B 7 -28.49 6.67 24.03
CA SER B 7 -28.54 7.34 25.33
C SER B 7 -28.46 6.28 26.41
N GLY B 8 -28.22 6.76 27.64
CA GLY B 8 -28.22 5.90 28.80
C GLY B 8 -26.84 5.62 29.34
N GLY B 9 -25.80 6.01 28.62
CA GLY B 9 -24.46 5.84 29.13
C GLY B 9 -24.22 6.66 30.39
N GLY B 10 -23.13 6.32 31.07
CA GLY B 10 -22.70 7.08 32.23
C GLY B 10 -21.56 6.35 32.91
N LEU B 11 -21.28 6.72 34.14
CA LEU B 11 -20.19 6.11 34.90
C LEU B 11 -20.80 5.19 35.94
N VAL B 12 -20.28 3.97 36.06
CA VAL B 12 -20.87 2.96 36.92
C VAL B 12 -19.75 2.21 37.61
N GLN B 13 -20.08 1.53 38.76
CA GLN B 13 -19.04 0.74 39.41
C GLN B 13 -18.85 -0.61 38.72
N PRO B 14 -17.66 -1.20 38.82
CA PRO B 14 -17.51 -2.61 38.41
C PRO B 14 -18.60 -3.45 39.06
N GLY B 15 -19.19 -4.35 38.27
CA GLY B 15 -20.33 -5.11 38.70
C GLY B 15 -21.69 -4.42 38.58
N GLY B 16 -21.73 -3.15 38.21
CA GLY B 16 -22.98 -2.44 38.05
C GLY B 16 -23.71 -2.79 36.77
N SER B 17 -24.79 -2.03 36.55
CA SER B 17 -25.75 -2.25 35.49
C SER B 17 -26.13 -0.94 34.84
N LEU B 18 -26.35 -1.00 33.54
CA LEU B 18 -26.79 0.15 32.77
C LEU B 18 -27.69 -0.34 31.63
N ARG B 19 -28.65 0.47 31.24
CA ARG B 19 -29.48 0.14 30.08
C ARG B 19 -29.36 1.23 29.04
N LEU B 20 -28.82 0.88 27.88
CA LEU B 20 -28.70 1.81 26.77
C LEU B 20 -29.93 1.71 25.88
N SER B 21 -30.31 2.86 25.33
CA SER B 21 -31.41 2.94 24.40
C SER B 21 -30.91 3.59 23.13
N CYS B 22 -31.53 3.23 22.03
CA CYS B 22 -31.15 3.84 20.75
C CYS B 22 -32.43 4.11 19.99
N ALA B 23 -32.78 5.39 19.85
CA ALA B 23 -33.98 5.78 19.13
C ALA B 23 -33.67 5.91 17.63
N ALA B 24 -34.37 5.13 16.80
CA ALA B 24 -34.15 5.12 15.36
C ALA B 24 -35.26 5.87 14.64
N SER B 25 -34.88 6.67 13.63
CA SER B 25 -35.85 7.39 12.82
C SER B 25 -35.38 7.50 11.38
N GLY B 26 -36.35 7.61 10.48
CA GLY B 26 -36.07 7.87 9.07
C GLY B 26 -35.80 6.69 8.19
N PHE B 27 -36.12 5.50 8.67
CA PHE B 27 -35.99 4.29 7.89
C PHE B 27 -36.89 3.28 8.57
N ALA B 28 -37.24 2.22 7.86
CA ALA B 28 -38.23 1.30 8.39
C ALA B 28 -37.54 0.39 9.40
N PHE B 29 -37.50 0.86 10.64
CA PHE B 29 -36.70 0.23 11.68
C PHE B 29 -36.89 -1.28 11.66
N SER B 30 -38.14 -1.72 11.57
CA SER B 30 -38.50 -3.11 11.85
C SER B 30 -38.12 -4.09 10.75
N THR B 31 -37.72 -3.65 9.57
CA THR B 31 -37.34 -4.64 8.60
C THR B 31 -35.84 -4.95 8.62
N TYR B 32 -35.08 -4.41 9.57
CA TYR B 32 -33.62 -4.52 9.56
C TYR B 32 -33.08 -5.09 10.87
N ASP B 33 -32.10 -5.99 10.75
CA ASP B 33 -31.17 -6.27 11.84
C ASP B 33 -30.66 -4.96 12.46
N MET B 34 -30.48 -4.97 13.77
CA MET B 34 -29.89 -3.90 14.56
C MET B 34 -28.76 -4.45 15.40
N SER B 35 -27.68 -3.65 15.54
CA SER B 35 -26.47 -4.04 16.24
C SER B 35 -25.98 -2.93 17.18
N TRP B 36 -25.21 -3.35 18.19
CA TRP B 36 -24.40 -2.45 18.98
C TRP B 36 -22.94 -2.70 18.67
N VAL B 37 -22.20 -1.60 18.52
CA VAL B 37 -20.76 -1.61 18.30
C VAL B 37 -20.15 -0.68 19.33
N ARG B 38 -18.96 -1.01 19.80
CA ARG B 38 -18.34 -0.17 20.81
C ARG B 38 -16.88 0.13 20.46
N GLN B 39 -16.36 1.19 21.08
CA GLN B 39 -14.99 1.64 20.78
C GLN B 39 -14.37 2.11 22.10
N ALA B 40 -13.51 1.29 22.66
CA ALA B 40 -12.80 1.67 23.89
C ALA B 40 -11.92 2.89 23.59
N PRO B 41 -11.72 3.78 24.60
CA PRO B 41 -11.14 5.11 24.35
C PRO B 41 -9.93 5.13 23.42
N GLY B 42 -8.97 4.24 23.55
CA GLY B 42 -7.93 4.35 22.53
C GLY B 42 -7.96 3.41 21.32
N LYS B 43 -8.96 2.56 21.16
CA LYS B 43 -8.78 1.35 20.39
C LYS B 43 -9.67 1.39 19.14
N GLY B 44 -9.77 0.25 18.47
CA GLY B 44 -10.58 0.15 17.27
C GLY B 44 -12.03 -0.23 17.56
N LEU B 45 -12.79 -0.39 16.47
CA LEU B 45 -14.20 -0.74 16.58
C LEU B 45 -14.36 -2.20 16.97
N GLU B 46 -15.34 -2.51 17.80
CA GLU B 46 -15.57 -3.89 18.25
C GLU B 46 -17.05 -4.20 18.27
N TRP B 47 -17.47 -5.21 17.52
CA TRP B 47 -18.87 -5.59 17.51
C TRP B 47 -19.29 -6.21 18.84
N VAL B 48 -20.46 -5.79 19.34
CA VAL B 48 -20.96 -6.24 20.64
C VAL B 48 -22.10 -7.26 20.50
N ALA B 49 -23.15 -6.90 19.80
CA ALA B 49 -24.29 -7.80 19.65
C ALA B 49 -25.10 -7.37 18.43
N THR B 50 -25.92 -8.31 17.93
CA THR B 50 -26.86 -8.08 16.82
C THR B 50 -28.19 -8.75 17.13
N ILE B 51 -29.30 -8.07 16.87
CA ILE B 51 -30.62 -8.67 16.95
C ILE B 51 -31.30 -8.62 15.59
N SER B 52 -31.96 -9.72 15.23
CA SER B 52 -32.67 -9.85 13.97
C SER B 52 -33.87 -8.92 13.92
N SER B 53 -34.38 -8.71 12.71
CA SER B 53 -35.40 -7.69 12.51
C SER B 53 -36.62 -7.97 13.39
N GLY B 54 -37.04 -9.23 13.45
CA GLY B 54 -38.18 -9.64 14.23
C GLY B 54 -37.89 -9.94 15.67
N GLY B 55 -36.63 -9.79 16.09
CA GLY B 55 -36.30 -10.07 17.46
C GLY B 55 -36.14 -11.53 17.76
N SER B 56 -36.18 -12.40 16.75
CA SER B 56 -36.21 -13.83 16.98
C SER B 56 -34.81 -14.37 17.25
N TYR B 57 -33.79 -13.73 16.72
CA TYR B 57 -32.43 -14.21 16.94
C TYR B 57 -31.58 -13.08 17.51
N THR B 58 -30.71 -13.44 18.43
CA THR B 58 -29.76 -12.51 19.00
C THR B 58 -28.40 -13.17 18.98
N TYR B 59 -27.35 -12.37 18.75
CA TYR B 59 -25.98 -12.85 18.66
C TYR B 59 -25.07 -11.93 19.44
N TYR B 60 -24.13 -12.51 20.17
CA TYR B 60 -23.32 -11.75 21.10
C TYR B 60 -21.85 -12.03 20.88
N LEU B 61 -21.03 -10.99 21.05
CA LEU B 61 -19.61 -11.18 21.31
C LEU B 61 -19.45 -12.03 22.56
N ASP B 62 -18.51 -12.97 22.52
CA ASP B 62 -18.51 -13.98 23.56
C ASP B 62 -18.10 -13.42 24.92
N SER B 63 -17.27 -12.38 24.95
CA SER B 63 -16.94 -11.83 26.26
C SER B 63 -18.12 -11.08 26.92
N VAL B 64 -19.28 -10.96 26.27
CA VAL B 64 -20.45 -10.33 26.87
C VAL B 64 -21.67 -11.24 26.97
N LYS B 65 -21.58 -12.52 26.54
CA LYS B 65 -22.72 -13.44 26.60
C LYS B 65 -23.24 -13.64 28.01
N GLY B 66 -24.55 -13.69 28.15
CA GLY B 66 -25.14 -13.78 29.51
C GLY B 66 -25.21 -12.46 30.25
N ARG B 67 -24.10 -11.67 30.22
CA ARG B 67 -24.04 -10.39 30.94
C ARG B 67 -24.86 -9.29 30.26
N PHE B 68 -24.92 -9.29 28.93
CA PHE B 68 -25.59 -8.29 28.10
C PHE B 68 -26.79 -8.92 27.40
N THR B 69 -27.84 -8.13 27.19
CA THR B 69 -28.98 -8.60 26.43
C THR B 69 -29.39 -7.51 25.45
N ILE B 70 -29.29 -7.79 24.15
CA ILE B 70 -29.80 -6.88 23.15
C ILE B 70 -31.29 -7.19 22.94
N SER B 71 -32.12 -6.15 22.86
CA SER B 71 -33.54 -6.34 22.53
C SER B 71 -33.99 -5.16 21.69
N ARG B 72 -35.22 -5.27 21.18
CA ARG B 72 -35.83 -4.22 20.41
C ARG B 72 -37.32 -4.17 20.69
N ASP B 73 -37.91 -3.00 20.42
CA ASP B 73 -39.33 -2.74 20.56
C ASP B 73 -39.86 -2.07 19.28
N SER B 74 -40.63 -2.82 18.47
CA SER B 74 -41.19 -2.27 17.23
C SER B 74 -42.17 -1.14 17.50
N SER B 75 -42.93 -1.25 18.59
CA SER B 75 -43.85 -0.20 18.97
C SER B 75 -43.12 1.13 19.16
N LYS B 76 -41.85 1.08 19.51
CA LYS B 76 -41.15 2.29 19.89
C LYS B 76 -40.02 2.65 18.93
N ASN B 77 -39.76 1.86 17.89
CA ASN B 77 -38.61 2.09 17.02
C ASN B 77 -37.35 2.29 17.84
N THR B 78 -37.18 1.48 18.89
CA THR B 78 -36.04 1.64 19.77
C THR B 78 -35.32 0.31 19.96
N LEU B 79 -33.99 0.36 19.95
CA LEU B 79 -33.15 -0.76 20.36
C LEU B 79 -32.58 -0.50 21.75
N TYR B 80 -32.32 -1.58 22.48
CA TYR B 80 -31.83 -1.51 23.86
C TYR B 80 -30.64 -2.42 24.01
N LEU B 81 -29.80 -2.09 24.97
CA LEU B 81 -28.74 -2.99 25.40
C LEU B 81 -28.78 -3.02 26.92
N GLN B 82 -29.09 -4.17 27.50
CA GLN B 82 -29.12 -4.26 28.96
C GLN B 82 -27.76 -4.77 29.39
N MET B 83 -27.05 -4.00 30.16
CA MET B 83 -25.69 -4.36 30.52
C MET B 83 -25.61 -4.67 32.00
N ASN B 84 -25.15 -5.86 32.35
CA ASN B 84 -24.95 -6.17 33.75
C ASN B 84 -23.55 -6.74 33.94
N SER B 85 -23.16 -6.92 35.20
CA SER B 85 -21.82 -7.35 35.59
C SER B 85 -20.73 -6.57 34.83
N LEU B 86 -20.89 -5.25 34.80
CA LEU B 86 -20.00 -4.37 34.06
C LEU B 86 -18.57 -4.54 34.54
N ARG B 87 -17.65 -4.56 33.58
CA ARG B 87 -16.22 -4.63 33.79
C ARG B 87 -15.57 -3.34 33.31
N ALA B 88 -14.39 -3.06 33.87
CA ALA B 88 -13.61 -1.93 33.39
C ALA B 88 -13.44 -1.99 31.87
N GLU B 89 -13.18 -3.16 31.31
CA GLU B 89 -13.00 -3.22 29.87
C GLU B 89 -14.29 -3.07 29.07
N ASP B 90 -15.46 -2.96 29.69
CA ASP B 90 -16.64 -2.56 28.91
C ASP B 90 -16.65 -1.06 28.64
N THR B 91 -15.71 -0.31 29.24
CA THR B 91 -15.65 1.13 29.10
C THR B 91 -15.42 1.47 27.63
N ALA B 92 -16.33 2.24 27.04
CA ALA B 92 -16.27 2.45 25.60
C ALA B 92 -17.37 3.43 25.25
N VAL B 93 -17.26 4.00 24.04
CA VAL B 93 -18.41 4.59 23.38
C VAL B 93 -19.20 3.47 22.69
N TYR B 94 -20.51 3.47 22.88
CA TYR B 94 -21.42 2.45 22.32
C TYR B 94 -22.31 3.05 21.24
N TYR B 95 -22.27 2.47 20.04
CA TYR B 95 -23.05 2.91 18.88
C TYR B 95 -24.11 1.86 18.52
N CYS B 96 -25.29 2.29 18.09
CA CYS B 96 -26.22 1.33 17.51
C CYS B 96 -26.29 1.60 16.02
N ALA B 97 -26.58 0.57 15.26
CA ALA B 97 -26.48 0.72 13.83
C ALA B 97 -27.25 -0.37 13.07
N PRO B 98 -28.07 0.00 12.09
CA PRO B 98 -28.81 -1.00 11.30
C PRO B 98 -27.93 -1.69 10.26
N THR B 99 -28.33 -2.89 9.90
CA THR B 99 -27.75 -3.57 8.74
C THR B 99 -28.67 -3.42 7.53
N THR B 100 -28.12 -2.94 6.41
CA THR B 100 -28.73 -2.81 5.09
C THR B 100 -28.19 -3.91 4.20
N VAL B 101 -27.46 -3.54 3.12
CA VAL B 101 -26.55 -4.41 2.41
C VAL B 101 -25.27 -4.54 3.19
N VAL B 102 -25.06 -3.63 4.13
CA VAL B 102 -23.83 -3.54 4.90
C VAL B 102 -24.20 -3.48 6.38
N PRO B 103 -23.47 -4.19 7.25
CA PRO B 103 -23.59 -3.90 8.68
C PRO B 103 -23.30 -2.43 8.94
N PHE B 104 -23.99 -1.88 9.92
CA PHE B 104 -23.58 -0.60 10.47
C PHE B 104 -23.64 0.48 9.38
N ALA B 105 -24.73 0.48 8.63
CA ALA B 105 -24.79 1.32 7.44
C ALA B 105 -24.81 2.79 7.82
N TYR B 106 -25.40 3.12 8.96
CA TYR B 106 -25.38 4.48 9.47
C TYR B 106 -25.12 4.43 10.97
N TRP B 107 -24.46 5.46 11.50
CA TRP B 107 -24.08 5.50 12.91
C TRP B 107 -24.58 6.78 13.54
N GLY B 108 -25.13 6.66 14.75
CA GLY B 108 -25.36 7.81 15.60
C GLY B 108 -24.07 8.30 16.24
N GLN B 109 -24.21 9.29 17.13
CA GLN B 109 -23.03 9.86 17.78
C GLN B 109 -22.45 8.97 18.86
N GLY B 110 -23.19 7.98 19.36
CA GLY B 110 -22.69 7.12 20.41
C GLY B 110 -23.01 7.63 21.80
N THR B 111 -22.78 6.75 22.77
CA THR B 111 -23.04 7.10 24.16
C THR B 111 -21.90 6.51 24.97
N LEU B 112 -21.32 7.33 25.85
CA LEU B 112 -20.13 6.95 26.58
C LEU B 112 -20.46 6.25 27.89
N VAL B 113 -19.89 5.07 28.05
CA VAL B 113 -20.04 4.22 29.22
C VAL B 113 -18.66 4.08 29.86
N THR B 114 -18.57 4.43 31.15
CA THR B 114 -17.34 4.29 31.91
C THR B 114 -17.59 3.42 33.11
N VAL B 115 -16.80 2.38 33.24
CA VAL B 115 -16.93 1.45 34.35
C VAL B 115 -15.66 1.61 35.18
N SER B 116 -15.77 2.16 36.38
CA SER B 116 -14.57 2.39 37.19
C SER B 116 -14.94 2.44 38.65
N SER B 117 -13.99 2.10 39.51
CA SER B 117 -14.21 2.24 40.93
C SER B 117 -13.93 3.66 41.43
N ALA B 118 -13.29 4.48 40.60
CA ALA B 118 -12.93 5.83 41.00
C ALA B 118 -14.16 6.74 41.06
N SER B 119 -14.07 7.74 41.93
CA SER B 119 -15.16 8.67 42.19
C SER B 119 -15.16 9.81 41.20
N THR B 120 -16.35 10.33 40.92
CA THR B 120 -16.47 11.54 40.13
C THR B 120 -15.75 12.66 40.86
N LYS B 121 -15.12 13.56 40.09
CA LYS B 121 -14.39 14.69 40.67
C LYS B 121 -14.19 15.76 39.62
N GLY B 122 -14.63 16.99 39.94
CA GLY B 122 -14.43 18.12 39.06
C GLY B 122 -12.97 18.60 39.03
N PRO B 123 -12.56 19.18 37.92
CA PRO B 123 -11.16 19.61 37.77
C PRO B 123 -10.91 20.97 38.41
N SER B 124 -9.62 21.27 38.57
CA SER B 124 -9.11 22.60 38.87
C SER B 124 -8.55 23.21 37.59
N VAL B 125 -8.77 24.51 37.38
CA VAL B 125 -8.27 25.17 36.19
C VAL B 125 -7.25 26.23 36.62
N PHE B 126 -6.06 26.19 36.00
CA PHE B 126 -4.92 27.01 36.36
C PHE B 126 -4.39 27.74 35.15
N PRO B 127 -4.10 29.03 35.27
CA PRO B 127 -3.54 29.75 34.13
C PRO B 127 -2.13 29.26 33.82
N LEU B 128 -1.82 29.38 32.53
CA LEU B 128 -0.48 29.24 31.95
C LEU B 128 -0.24 30.57 31.21
N ALA B 129 0.30 31.55 31.93
CA ALA B 129 0.39 32.90 31.41
C ALA B 129 1.59 33.06 30.48
N PRO B 130 1.47 33.90 29.44
CA PRO B 130 2.64 34.26 28.64
C PRO B 130 3.50 35.31 29.35
N SER B 131 4.80 35.33 29.02
CA SER B 131 5.75 36.32 29.57
C SER B 131 7.16 36.22 28.98
N GLY B 138 6.97 38.71 17.27
CA GLY B 138 6.74 37.27 17.33
C GLY B 138 5.36 36.87 17.80
N THR B 139 5.19 35.59 18.12
CA THR B 139 3.93 35.03 18.61
C THR B 139 4.10 34.57 20.06
N ALA B 140 3.15 34.90 20.91
CA ALA B 140 3.20 34.46 22.30
C ALA B 140 2.35 33.20 22.46
N ALA B 141 2.44 32.59 23.63
CA ALA B 141 1.70 31.36 23.90
C ALA B 141 1.19 31.37 25.33
N LEU B 142 -0.02 30.86 25.51
CA LEU B 142 -0.70 30.90 26.80
C LEU B 142 -1.72 29.78 26.84
N GLY B 143 -2.18 29.45 28.05
CA GLY B 143 -3.22 28.44 28.17
C GLY B 143 -3.67 28.19 29.60
N CYS B 144 -4.38 27.07 29.75
CA CYS B 144 -4.98 26.65 30.99
C CYS B 144 -4.60 25.21 31.27
N LEU B 145 -4.39 24.90 32.54
CA LEU B 145 -4.16 23.54 32.99
C LEU B 145 -5.44 23.07 33.64
N VAL B 146 -6.03 21.98 33.11
CA VAL B 146 -7.28 21.41 33.63
C VAL B 146 -6.96 20.07 34.28
N LYS B 147 -6.92 20.04 35.60
CA LYS B 147 -6.18 19.01 36.33
C LYS B 147 -7.02 18.28 37.35
N ASP B 148 -6.89 16.95 37.39
CA ASP B 148 -7.43 16.09 38.45
C ASP B 148 -8.94 15.90 38.41
N TYR B 149 -9.46 15.44 37.29
CA TYR B 149 -10.87 15.19 37.17
C TYR B 149 -11.13 13.75 36.79
N PHE B 150 -12.39 13.36 36.94
CA PHE B 150 -12.86 12.04 36.59
C PHE B 150 -14.37 12.05 36.52
N PRO B 151 -14.99 11.39 35.52
CA PRO B 151 -14.35 10.73 34.39
C PRO B 151 -14.20 11.70 33.22
N GLU B 152 -13.76 11.18 32.08
CA GLU B 152 -13.96 11.86 30.82
C GLU B 152 -15.45 12.06 30.60
N PRO B 153 -15.86 13.12 29.86
CA PRO B 153 -15.02 14.17 29.25
C PRO B 153 -15.19 15.55 29.93
N VAL B 154 -14.21 16.42 29.70
CA VAL B 154 -14.35 17.85 29.95
C VAL B 154 -14.33 18.53 28.60
N THR B 155 -14.95 19.69 28.50
CA THR B 155 -14.69 20.58 27.38
C THR B 155 -14.02 21.86 27.86
N VAL B 156 -13.19 22.44 27.00
CA VAL B 156 -12.56 23.72 27.26
C VAL B 156 -12.69 24.53 25.99
N SER B 157 -13.09 25.78 26.12
CA SER B 157 -13.11 26.65 24.96
C SER B 157 -12.45 27.97 25.34
N TRP B 158 -12.17 28.77 24.33
CA TRP B 158 -11.50 30.04 24.54
C TRP B 158 -12.37 31.14 24.01
N ASN B 159 -12.57 32.16 24.85
CA ASN B 159 -13.35 33.31 24.46
C ASN B 159 -14.72 32.86 23.97
N SER B 160 -15.29 31.87 24.67
CA SER B 160 -16.61 31.33 24.39
C SER B 160 -16.81 31.12 22.90
N GLY B 161 -15.81 30.48 22.26
CA GLY B 161 -15.90 30.05 20.88
C GLY B 161 -15.40 31.05 19.85
N ALA B 162 -14.99 32.25 20.26
CA ALA B 162 -14.50 33.24 19.31
C ALA B 162 -13.04 33.00 18.94
N LEU B 163 -12.30 32.28 19.79
CA LEU B 163 -10.88 32.03 19.58
C LEU B 163 -10.75 30.58 19.08
N THR B 164 -10.47 30.42 17.78
CA THR B 164 -10.50 29.12 17.08
C THR B 164 -9.16 28.73 16.48
N SER B 165 -8.55 29.62 15.72
CA SER B 165 -7.26 29.31 15.10
C SER B 165 -6.17 29.27 16.18
N GLY B 166 -5.18 28.39 15.96
CA GLY B 166 -4.09 28.11 16.88
C GLY B 166 -4.40 27.71 18.32
N VAL B 167 -5.60 27.14 18.60
CA VAL B 167 -5.95 26.54 19.89
C VAL B 167 -5.52 25.09 19.91
N HIS B 168 -4.96 24.64 21.04
CA HIS B 168 -4.59 23.23 21.15
C HIS B 168 -5.00 22.72 22.53
N THR B 169 -6.03 21.85 22.56
CA THR B 169 -6.49 21.19 23.77
C THR B 169 -6.00 19.75 23.73
N PHE B 170 -5.17 19.39 24.67
CA PHE B 170 -4.51 18.10 24.54
C PHE B 170 -5.38 16.95 25.02
N PRO B 171 -5.24 15.78 24.40
CA PRO B 171 -5.89 14.58 24.95
C PRO B 171 -5.49 14.38 26.40
N ALA B 172 -6.47 13.98 27.20
CA ALA B 172 -6.26 13.79 28.63
C ALA B 172 -5.42 12.53 28.87
N VAL B 173 -4.63 12.55 29.95
CA VAL B 173 -3.84 11.39 30.33
C VAL B 173 -4.20 10.97 31.75
N LEU B 174 -4.27 9.67 31.98
CA LEU B 174 -4.57 9.16 33.31
C LEU B 174 -3.30 9.19 34.16
N GLN B 175 -3.36 9.88 35.29
CA GLN B 175 -2.18 10.01 36.13
C GLN B 175 -2.02 8.81 37.04
N SER B 176 -0.93 8.81 37.82
CA SER B 176 -0.68 7.75 38.81
C SER B 176 -1.79 7.69 39.85
N SER B 177 -2.42 8.83 40.14
CA SER B 177 -3.56 8.84 41.04
C SER B 177 -4.86 8.31 40.44
N GLY B 178 -4.90 7.94 39.16
CA GLY B 178 -6.16 7.51 38.55
C GLY B 178 -7.12 8.62 38.15
N LEU B 179 -6.72 9.89 38.24
CA LEU B 179 -7.50 11.04 37.82
C LEU B 179 -6.92 11.56 36.51
N TYR B 180 -7.76 12.22 35.71
CA TYR B 180 -7.29 12.69 34.41
C TYR B 180 -6.77 14.10 34.53
N SER B 181 -5.97 14.49 33.56
CA SER B 181 -5.38 15.83 33.55
C SER B 181 -5.02 16.18 32.11
N LEU B 182 -5.34 17.40 31.69
CA LEU B 182 -4.87 17.90 30.42
C LEU B 182 -4.55 19.39 30.54
N SER B 183 -3.98 19.93 29.46
CA SER B 183 -3.80 21.36 29.26
C SER B 183 -4.42 21.77 27.95
N SER B 184 -4.97 22.98 27.93
CA SER B 184 -5.38 23.68 26.72
C SER B 184 -4.54 24.95 26.57
N VAL B 185 -4.01 25.19 25.37
CA VAL B 185 -3.13 26.33 25.10
C VAL B 185 -3.48 26.98 23.75
N VAL B 186 -3.12 28.27 23.60
CA VAL B 186 -3.22 28.93 22.29
C VAL B 186 -2.07 29.91 22.09
N THR B 187 -1.59 29.99 20.86
CA THR B 187 -0.54 30.92 20.46
C THR B 187 -1.13 32.01 19.58
N VAL B 188 -0.91 33.26 19.97
CA VAL B 188 -1.52 34.42 19.34
C VAL B 188 -0.38 35.31 18.87
N PRO B 189 -0.63 36.39 18.12
CA PRO B 189 0.44 37.40 17.94
C PRO B 189 0.73 38.14 19.25
N SER B 190 2.03 38.35 19.51
CA SER B 190 2.51 39.06 20.70
C SER B 190 1.95 40.48 20.78
N SER B 191 1.74 41.11 19.64
CA SER B 191 1.25 42.48 19.59
C SER B 191 -0.12 42.60 20.25
N SER B 192 -0.90 41.50 20.27
CA SER B 192 -2.25 41.46 20.79
C SER B 192 -2.34 41.30 22.31
N LEU B 193 -1.27 40.86 22.97
CA LEU B 193 -1.29 40.80 24.42
C LEU B 193 -1.56 42.19 24.99
N GLY B 194 -2.76 42.38 25.53
CA GLY B 194 -3.23 43.70 25.91
C GLY B 194 -4.44 44.12 25.10
N THR B 195 -4.35 43.98 23.77
CA THR B 195 -5.49 44.20 22.87
C THR B 195 -6.09 42.86 22.46
N GLN B 196 -6.73 42.22 23.44
CA GLN B 196 -7.38 40.91 23.35
C GLN B 196 -7.33 40.25 24.71
N THR B 197 -8.51 39.97 25.24
CA THR B 197 -8.67 39.25 26.49
C THR B 197 -8.76 37.76 26.19
N TYR B 198 -8.19 36.96 27.10
CA TYR B 198 -8.04 35.52 26.92
C TYR B 198 -8.72 34.82 28.10
N ILE B 199 -9.86 34.19 27.79
CA ILE B 199 -10.66 33.46 28.77
C ILE B 199 -10.86 32.02 28.31
N CYS B 200 -10.43 31.08 29.15
CA CYS B 200 -10.71 29.67 28.92
C CYS B 200 -11.94 29.24 29.70
N ASN B 201 -12.82 28.54 29.01
CA ASN B 201 -14.12 28.14 29.50
C ASN B 201 -14.03 26.63 29.68
N VAL B 202 -14.02 26.16 30.93
CA VAL B 202 -13.90 24.73 31.26
C VAL B 202 -15.26 24.18 31.72
N ASN B 203 -15.71 23.09 31.06
CA ASN B 203 -17.00 22.45 31.37
C ASN B 203 -16.80 20.96 31.66
N HIS B 204 -17.15 20.53 32.87
CA HIS B 204 -17.12 19.11 33.24
C HIS B 204 -18.52 18.65 33.68
N LYS B 205 -19.37 18.28 32.72
CA LYS B 205 -20.72 17.77 33.01
C LYS B 205 -20.78 16.65 34.05
N PRO B 206 -19.98 15.58 33.99
CA PRO B 206 -20.10 14.50 35.00
C PRO B 206 -20.09 14.94 36.46
N SER B 207 -19.28 15.93 36.83
CA SER B 207 -19.33 16.44 38.19
C SER B 207 -20.15 17.70 38.33
N ASN B 208 -20.84 18.13 37.27
CA ASN B 208 -21.55 19.40 37.30
C ASN B 208 -20.65 20.56 37.73
N THR B 209 -19.56 20.77 37.00
CA THR B 209 -18.59 21.83 37.27
C THR B 209 -18.44 22.70 36.02
N LYS B 210 -18.59 24.02 36.18
CA LYS B 210 -18.19 24.98 35.17
C LYS B 210 -17.17 25.96 35.75
N VAL B 211 -16.14 26.28 34.97
CA VAL B 211 -15.12 27.23 35.37
C VAL B 211 -14.71 28.07 34.17
N ASP B 212 -14.65 29.38 34.36
CA ASP B 212 -14.05 30.27 33.36
C ASP B 212 -12.83 30.93 33.95
N LYS B 213 -11.80 31.10 33.13
CA LYS B 213 -10.55 31.66 33.63
C LYS B 213 -9.92 32.62 32.64
N LYS B 214 -9.65 33.82 33.11
CA LYS B 214 -8.85 34.79 32.38
C LYS B 214 -7.38 34.40 32.51
N VAL B 215 -6.64 34.53 31.41
CA VAL B 215 -5.24 34.18 31.38
C VAL B 215 -4.43 35.47 31.27
N GLU B 216 -3.82 35.86 32.39
CA GLU B 216 -2.91 36.99 32.51
C GLU B 216 -1.70 36.58 33.34
N PRO B 217 -0.58 37.32 33.25
CA PRO B 217 -0.25 38.51 32.43
C PRO B 217 -0.17 38.24 30.93
N ASP C 1 -7.80 8.91 -34.12
CA ASP C 1 -7.41 7.73 -33.36
C ASP C 1 -8.48 7.34 -32.38
N ILE C 2 -8.74 6.04 -32.28
CA ILE C 2 -9.67 5.49 -31.31
C ILE C 2 -8.81 4.94 -30.18
N GLN C 3 -9.10 5.36 -28.95
CA GLN C 3 -8.39 4.83 -27.77
C GLN C 3 -9.16 3.68 -27.16
N MET C 4 -8.42 2.66 -26.73
CA MET C 4 -8.98 1.48 -26.10
C MET C 4 -8.47 1.46 -24.67
N THR C 5 -9.38 1.59 -23.71
CA THR C 5 -9.08 1.67 -22.29
C THR C 5 -9.53 0.39 -21.60
N GLN C 6 -8.55 -0.38 -21.15
CA GLN C 6 -8.74 -1.67 -20.51
C GLN C 6 -8.69 -1.54 -18.98
N SER C 7 -9.57 -2.30 -18.30
CA SER C 7 -9.62 -2.22 -16.85
C SER C 7 -10.00 -3.61 -16.35
N PRO C 8 -9.42 -4.05 -15.22
CA PRO C 8 -8.41 -3.27 -14.51
C PRO C 8 -7.05 -3.53 -15.12
N SER C 9 -6.03 -2.88 -14.57
CA SER C 9 -4.67 -3.12 -15.03
C SER C 9 -4.22 -4.55 -14.73
N SER C 10 -4.52 -5.04 -13.53
CA SER C 10 -4.04 -6.34 -13.08
C SER C 10 -4.99 -6.86 -12.02
N LEU C 11 -4.83 -8.14 -11.72
CA LEU C 11 -5.70 -8.80 -10.76
C LEU C 11 -5.17 -10.20 -10.49
N SER C 12 -5.26 -10.61 -9.24
CA SER C 12 -4.98 -11.98 -8.85
C SER C 12 -6.30 -12.74 -8.77
N ALA C 13 -6.27 -14.00 -9.15
CA ALA C 13 -7.50 -14.78 -9.11
C ALA C 13 -7.14 -16.21 -8.78
N SER C 14 -8.16 -16.96 -8.35
CA SER C 14 -8.03 -18.33 -7.89
C SER C 14 -8.55 -19.26 -8.97
N VAL C 15 -7.96 -20.47 -9.02
CA VAL C 15 -8.43 -21.47 -9.96
C VAL C 15 -9.91 -21.71 -9.73
N GLY C 16 -10.65 -21.82 -10.82
CA GLY C 16 -12.06 -22.04 -10.72
C GLY C 16 -12.88 -20.79 -10.64
N ASP C 17 -12.28 -19.63 -10.40
CA ASP C 17 -13.04 -18.42 -10.25
C ASP C 17 -13.40 -17.84 -11.61
N ARG C 18 -14.21 -16.79 -11.59
CA ARG C 18 -14.70 -16.20 -12.82
C ARG C 18 -14.11 -14.80 -12.85
N VAL C 19 -13.45 -14.46 -13.95
CA VAL C 19 -12.85 -13.15 -14.09
C VAL C 19 -13.47 -12.47 -15.30
N THR C 20 -13.56 -11.16 -15.20
CA THR C 20 -14.21 -10.40 -16.25
C THR C 20 -13.41 -9.12 -16.46
N ILE C 21 -12.90 -8.94 -17.69
CA ILE C 21 -12.11 -7.79 -18.10
C ILE C 21 -12.96 -6.89 -18.99
N THR C 22 -12.74 -5.57 -18.85
CA THR C 22 -13.49 -4.55 -19.56
C THR C 22 -12.60 -3.71 -20.47
N CYS C 23 -13.18 -3.30 -21.59
CA CYS C 23 -12.51 -2.42 -22.53
C CYS C 23 -13.51 -1.40 -23.08
N LYS C 24 -13.06 -0.14 -23.20
CA LYS C 24 -13.91 0.90 -23.75
C LYS C 24 -13.21 1.72 -24.84
N ALA C 25 -13.94 1.93 -25.94
CA ALA C 25 -13.49 2.62 -27.14
C ALA C 25 -13.97 4.06 -27.06
N SER C 26 -13.12 4.99 -27.49
CA SER C 26 -13.47 6.39 -27.39
C SER C 26 -14.49 6.80 -28.42
N GLN C 27 -14.94 5.85 -29.25
CA GLN C 27 -15.94 6.04 -30.30
C GLN C 27 -16.62 4.72 -30.56
N ASN C 28 -17.77 4.80 -31.19
CA ASN C 28 -18.46 3.60 -31.62
C ASN C 28 -17.58 2.79 -32.57
N VAL C 29 -17.38 1.52 -32.24
CA VAL C 29 -16.56 0.68 -33.12
C VAL C 29 -17.37 -0.55 -33.47
N ARG C 30 -18.70 -0.45 -33.29
CA ARG C 30 -19.68 -1.46 -33.65
C ARG C 30 -19.34 -2.73 -32.87
N THR C 31 -19.12 -3.86 -33.54
CA THR C 31 -18.70 -5.11 -32.92
C THR C 31 -17.32 -5.48 -33.43
N VAL C 32 -16.60 -4.50 -33.97
CA VAL C 32 -15.32 -4.72 -34.65
C VAL C 32 -14.21 -4.61 -33.60
N VAL C 33 -14.17 -5.60 -32.73
CA VAL C 33 -13.26 -5.65 -31.59
C VAL C 33 -12.79 -7.09 -31.45
N ALA C 34 -11.51 -7.25 -31.09
CA ALA C 34 -10.93 -8.57 -30.87
C ALA C 34 -10.21 -8.61 -29.52
N TRP C 35 -9.90 -9.84 -29.07
CA TRP C 35 -9.19 -10.05 -27.80
C TRP C 35 -8.07 -11.03 -28.01
N TYR C 36 -6.95 -10.76 -27.36
CA TYR C 36 -5.76 -11.57 -27.53
C TYR C 36 -5.21 -11.95 -26.16
N GLN C 37 -4.57 -13.11 -26.13
CA GLN C 37 -3.97 -13.63 -24.92
C GLN C 37 -2.48 -13.82 -25.14
N GLN C 38 -1.65 -13.27 -24.25
CA GLN C 38 -0.21 -13.46 -24.32
C GLN C 38 0.34 -13.85 -22.96
N LYS C 39 1.03 -14.97 -22.91
CA LYS C 39 1.80 -15.55 -21.84
C LYS C 39 3.24 -15.05 -21.89
N PRO C 40 3.85 -14.85 -20.73
CA PRO C 40 5.21 -14.32 -20.69
C PRO C 40 6.15 -15.08 -21.61
N GLY C 41 6.96 -14.32 -22.33
CA GLY C 41 7.92 -14.86 -23.27
C GLY C 41 7.35 -15.42 -24.55
N LYS C 42 6.05 -15.41 -24.74
CA LYS C 42 5.48 -16.14 -25.87
C LYS C 42 4.84 -15.18 -26.85
N ALA C 43 4.60 -15.68 -28.05
CA ALA C 43 3.77 -15.00 -29.02
C ALA C 43 2.32 -14.97 -28.55
N PRO C 44 1.56 -13.94 -28.94
CA PRO C 44 0.15 -13.87 -28.55
C PRO C 44 -0.68 -14.96 -29.21
N LYS C 45 -1.87 -15.17 -28.64
CA LYS C 45 -2.92 -15.97 -29.27
C LYS C 45 -4.24 -15.23 -29.37
N THR C 46 -4.86 -15.29 -30.53
CA THR C 46 -6.12 -14.59 -30.76
C THR C 46 -7.25 -15.39 -30.16
N LEU C 47 -8.09 -14.74 -29.37
CA LEU C 47 -9.10 -15.42 -28.60
C LEU C 47 -10.49 -15.19 -29.15
N ILE C 48 -10.88 -13.93 -29.28
CA ILE C 48 -12.22 -13.48 -29.64
C ILE C 48 -12.14 -12.63 -30.89
N TYR C 49 -13.07 -12.84 -31.82
CA TYR C 49 -13.18 -11.94 -32.95
C TYR C 49 -14.58 -11.37 -33.09
N LEU C 50 -14.64 -10.16 -33.64
CA LEU C 50 -15.85 -9.38 -33.78
C LEU C 50 -16.68 -9.44 -32.49
N ALA C 51 -16.06 -8.95 -31.41
CA ALA C 51 -16.67 -8.72 -30.11
C ALA C 51 -17.06 -9.99 -29.36
N SER C 52 -17.57 -11.03 -30.04
CA SER C 52 -18.19 -12.13 -29.32
C SER C 52 -18.00 -13.53 -29.91
N ASN C 53 -17.12 -13.75 -30.87
CA ASN C 53 -16.94 -15.07 -31.47
C ASN C 53 -15.63 -15.69 -30.99
N ARG C 54 -15.68 -16.95 -30.57
CA ARG C 54 -14.44 -17.66 -30.26
C ARG C 54 -13.69 -17.99 -31.54
N HIS C 55 -12.40 -17.68 -31.57
CA HIS C 55 -11.53 -18.16 -32.64
C HIS C 55 -11.35 -19.67 -32.51
N THR C 56 -10.86 -20.29 -33.57
CA THR C 56 -10.74 -21.75 -33.55
C THR C 56 -9.74 -22.22 -32.51
N GLY C 57 -10.06 -23.33 -31.84
CA GLY C 57 -9.24 -23.83 -30.77
C GLY C 57 -9.42 -23.14 -29.45
N VAL C 58 -10.28 -22.14 -29.36
CA VAL C 58 -10.51 -21.40 -28.12
C VAL C 58 -11.58 -22.13 -27.33
N PRO C 59 -11.31 -22.52 -26.06
CA PRO C 59 -12.28 -23.32 -25.30
C PRO C 59 -13.47 -22.49 -24.83
N SER C 60 -14.51 -23.24 -24.43
CA SER C 60 -15.84 -22.72 -24.09
C SER C 60 -15.81 -21.67 -22.99
N ARG C 61 -14.97 -21.86 -21.98
CA ARG C 61 -14.96 -20.94 -20.85
C ARG C 61 -14.71 -19.50 -21.28
N PHE C 62 -14.04 -19.29 -22.42
CA PHE C 62 -13.72 -17.95 -22.90
C PHE C 62 -14.90 -17.39 -23.66
N SER C 63 -15.23 -16.13 -23.39
CA SER C 63 -16.38 -15.55 -24.06
C SER C 63 -16.27 -14.04 -24.05
N GLY C 64 -16.68 -13.42 -25.16
CA GLY C 64 -16.73 -11.98 -25.21
C GLY C 64 -18.09 -11.46 -25.58
N SER C 65 -18.36 -10.19 -25.24
CA SER C 65 -19.64 -9.59 -25.58
C SER C 65 -19.50 -8.07 -25.54
N GLY C 66 -20.42 -7.41 -26.24
CA GLY C 66 -20.53 -5.97 -26.21
C GLY C 66 -20.75 -5.38 -27.59
N SER C 67 -21.01 -4.08 -27.61
CA SER C 67 -21.36 -3.37 -28.83
C SER C 67 -21.22 -1.87 -28.57
N GLY C 68 -21.05 -1.13 -29.67
CA GLY C 68 -20.86 0.29 -29.62
C GLY C 68 -19.48 0.65 -29.10
N THR C 69 -19.38 0.84 -27.78
CA THR C 69 -18.14 1.23 -27.15
C THR C 69 -17.80 0.41 -25.91
N ASP C 70 -18.66 -0.51 -25.48
CA ASP C 70 -18.50 -1.20 -24.19
C ASP C 70 -18.34 -2.70 -24.41
N PHE C 71 -17.12 -3.19 -24.20
CA PHE C 71 -16.78 -4.56 -24.51
C PHE C 71 -16.22 -5.25 -23.28
N THR C 72 -16.41 -6.55 -23.23
CA THR C 72 -16.12 -7.34 -22.04
C THR C 72 -15.54 -8.69 -22.46
N LEU C 73 -14.46 -9.08 -21.80
CA LEU C 73 -13.95 -10.45 -21.89
C LEU C 73 -14.34 -11.20 -20.62
N THR C 74 -14.78 -12.44 -20.80
CA THR C 74 -15.18 -13.28 -19.68
C THR C 74 -14.46 -14.63 -19.75
N ILE C 75 -13.89 -15.05 -18.63
CA ILE C 75 -13.46 -16.43 -18.45
C ILE C 75 -14.41 -17.02 -17.42
N SER C 76 -15.09 -18.10 -17.78
CA SER C 76 -16.14 -18.59 -16.89
C SER C 76 -15.58 -19.33 -15.67
N SER C 77 -14.34 -19.83 -15.75
CA SER C 77 -13.81 -20.69 -14.72
C SER C 77 -12.31 -20.91 -14.96
N LEU C 78 -11.51 -19.97 -14.45
CA LEU C 78 -10.07 -19.93 -14.67
C LEU C 78 -9.41 -21.27 -14.45
N GLN C 79 -8.64 -21.69 -15.42
CA GLN C 79 -7.76 -22.83 -15.30
C GLN C 79 -6.35 -22.35 -15.12
N PRO C 80 -5.43 -23.23 -14.75
CA PRO C 80 -4.03 -22.78 -14.66
C PRO C 80 -3.50 -22.29 -15.99
N GLU C 81 -3.91 -22.91 -17.09
CA GLU C 81 -3.47 -22.46 -18.41
C GLU C 81 -3.92 -21.04 -18.74
N ASP C 82 -4.84 -20.45 -17.98
CA ASP C 82 -5.46 -19.19 -18.39
C ASP C 82 -4.77 -17.96 -17.84
N PHE C 83 -3.68 -18.13 -17.15
CA PHE C 83 -2.98 -17.00 -16.58
C PHE C 83 -2.03 -16.43 -17.63
N ALA C 84 -2.15 -15.12 -17.87
CA ALA C 84 -1.55 -14.48 -19.01
C ALA C 84 -1.86 -12.99 -18.96
N THR C 85 -1.43 -12.24 -19.95
CA THR C 85 -1.93 -10.89 -20.12
C THR C 85 -2.89 -10.90 -21.32
N TYR C 86 -4.01 -10.17 -21.19
CA TYR C 86 -5.08 -10.14 -22.18
C TYR C 86 -5.16 -8.73 -22.72
N PHE C 87 -5.23 -8.61 -24.05
CA PHE C 87 -5.32 -7.31 -24.75
C PHE C 87 -6.58 -7.24 -25.57
N CYS C 88 -7.19 -6.06 -25.62
CA CYS C 88 -8.24 -5.77 -26.59
C CYS C 88 -7.68 -4.91 -27.73
N LEU C 89 -8.39 -4.95 -28.85
CA LEU C 89 -8.03 -4.24 -30.06
C LEU C 89 -9.30 -3.73 -30.76
N GLN C 90 -9.23 -2.52 -31.30
CA GLN C 90 -10.24 -2.07 -32.25
C GLN C 90 -9.62 -2.11 -33.64
N HIS C 91 -10.35 -2.66 -34.60
CA HIS C 91 -9.97 -2.54 -36.00
C HIS C 91 -11.11 -1.96 -36.82
N TRP C 92 -11.87 -1.06 -36.19
CA TRP C 92 -12.88 -0.30 -36.92
C TRP C 92 -12.24 0.71 -37.85
N SER C 93 -11.17 1.38 -37.41
CA SER C 93 -10.47 2.40 -38.19
C SER C 93 -8.99 2.39 -37.83
N TYR C 94 -8.13 2.73 -38.83
CA TYR C 94 -6.71 2.92 -38.64
C TYR C 94 -6.48 4.27 -37.97
N PRO C 95 -5.41 4.39 -37.18
CA PRO C 95 -4.53 3.27 -36.85
C PRO C 95 -5.24 2.24 -35.97
N LEU C 96 -4.92 0.96 -36.15
CA LEU C 96 -5.39 -0.07 -35.22
C LEU C 96 -4.76 0.16 -33.87
N THR C 97 -5.57 0.07 -32.81
CA THR C 97 -5.12 0.43 -31.49
C THR C 97 -5.48 -0.67 -30.50
N PHE C 98 -4.51 -1.03 -29.67
CA PHE C 98 -4.62 -2.00 -28.60
C PHE C 98 -4.90 -1.30 -27.29
N GLY C 99 -5.44 -2.05 -26.35
CA GLY C 99 -5.43 -1.62 -24.97
C GLY C 99 -4.11 -1.95 -24.32
N GLN C 100 -3.91 -1.37 -23.15
CA GLN C 100 -2.71 -1.55 -22.35
C GLN C 100 -2.56 -2.97 -21.80
N GLY C 101 -3.57 -3.80 -21.86
CA GLY C 101 -3.34 -5.11 -21.29
C GLY C 101 -3.80 -5.22 -19.85
N THR C 102 -4.27 -6.42 -19.49
CA THR C 102 -4.59 -6.81 -18.13
C THR C 102 -3.75 -8.02 -17.83
N LYS C 103 -2.99 -7.98 -16.78
CA LYS C 103 -2.24 -9.16 -16.37
C LYS C 103 -3.06 -9.96 -15.34
N VAL C 104 -3.24 -11.25 -15.60
CA VAL C 104 -4.01 -12.15 -14.75
C VAL C 104 -3.05 -13.16 -14.14
N GLU C 105 -2.98 -13.21 -12.80
CA GLU C 105 -2.04 -14.03 -12.05
C GLU C 105 -2.77 -14.98 -11.09
N ILE C 106 -2.03 -16.00 -10.60
CA ILE C 106 -2.55 -17.05 -9.71
C ILE C 106 -2.69 -16.51 -8.30
N LYS C 107 -3.87 -16.66 -7.70
CA LYS C 107 -3.99 -16.51 -6.24
C LYS C 107 -3.57 -17.81 -5.55
N ARG C 108 -2.67 -17.70 -4.58
CA ARG C 108 -2.31 -18.86 -3.79
C ARG C 108 -2.18 -18.41 -2.34
N THR C 109 -1.71 -19.32 -1.49
CA THR C 109 -1.57 -18.98 -0.09
C THR C 109 -0.23 -18.28 0.16
N VAL C 110 -0.17 -17.55 1.28
CA VAL C 110 1.04 -16.83 1.66
C VAL C 110 2.18 -17.81 1.86
N ALA C 111 3.35 -17.45 1.33
CA ALA C 111 4.56 -18.23 1.56
C ALA C 111 5.70 -17.24 1.76
N ALA C 112 6.50 -17.47 2.81
CA ALA C 112 7.56 -16.54 3.16
C ALA C 112 8.83 -16.81 2.35
N PRO C 113 9.60 -15.78 2.04
CA PRO C 113 10.81 -16.00 1.25
C PRO C 113 11.89 -16.67 2.07
N SER C 114 12.64 -17.58 1.44
CA SER C 114 13.96 -17.97 1.96
C SER C 114 14.98 -16.94 1.48
N VAL C 115 15.69 -16.29 2.39
CA VAL C 115 16.54 -15.16 2.05
C VAL C 115 18.00 -15.57 2.16
N PHE C 116 18.80 -15.15 1.19
CA PHE C 116 20.20 -15.51 1.06
C PHE C 116 20.98 -14.27 0.68
N ILE C 117 22.25 -14.22 1.06
CA ILE C 117 23.12 -13.11 0.67
C ILE C 117 24.45 -13.67 0.18
N PHE C 118 25.05 -12.96 -0.80
CA PHE C 118 26.19 -13.40 -1.59
C PHE C 118 27.23 -12.29 -1.74
N PRO C 119 28.41 -12.49 -1.21
CA PRO C 119 29.44 -11.47 -1.37
C PRO C 119 29.96 -11.43 -2.80
N PRO C 120 30.59 -10.32 -3.19
CA PRO C 120 31.32 -10.29 -4.47
C PRO C 120 32.39 -11.37 -4.51
N SER C 121 32.49 -12.03 -5.67
CA SER C 121 33.47 -13.07 -5.93
C SER C 121 34.88 -12.47 -6.00
N ASP C 122 35.87 -13.33 -5.77
CA ASP C 122 37.26 -12.87 -5.87
C ASP C 122 37.57 -12.46 -7.29
N GLU C 123 37.00 -13.19 -8.26
CA GLU C 123 37.22 -12.88 -9.66
C GLU C 123 36.70 -11.49 -10.00
N GLN C 124 35.51 -11.16 -9.51
CA GLN C 124 34.92 -9.86 -9.81
C GLN C 124 35.77 -8.74 -9.23
N LEU C 125 36.17 -8.87 -7.96
CA LEU C 125 37.02 -7.84 -7.37
C LEU C 125 38.31 -7.70 -8.17
N LYS C 126 38.78 -8.79 -8.77
CA LYS C 126 39.90 -8.80 -9.71
C LYS C 126 39.47 -8.20 -11.06
N SER C 127 38.65 -7.16 -11.02
CA SER C 127 38.12 -6.50 -12.20
C SER C 127 37.72 -5.10 -11.79
N GLY C 128 37.81 -4.83 -10.48
CA GLY C 128 37.57 -3.51 -9.97
C GLY C 128 36.10 -3.19 -9.72
N THR C 129 35.24 -4.21 -9.60
CA THR C 129 33.81 -3.95 -9.42
C THR C 129 33.24 -4.96 -8.44
N ALA C 130 32.31 -4.50 -7.61
CA ALA C 130 31.68 -5.35 -6.63
C ALA C 130 30.17 -5.36 -6.81
N SER C 131 29.59 -6.55 -6.70
CA SER C 131 28.15 -6.77 -6.81
C SER C 131 27.71 -7.69 -5.68
N VAL C 132 26.95 -7.14 -4.73
CA VAL C 132 26.40 -7.90 -3.59
C VAL C 132 24.96 -8.26 -3.90
N VAL C 133 24.62 -9.52 -3.76
CA VAL C 133 23.33 -10.02 -4.21
C VAL C 133 22.52 -10.50 -3.01
N CYS C 134 21.26 -10.04 -2.92
CA CYS C 134 20.33 -10.54 -1.92
C CYS C 134 19.21 -11.29 -2.65
N LEU C 135 19.07 -12.57 -2.35
CA LEU C 135 18.10 -13.41 -3.02
C LEU C 135 16.91 -13.66 -2.11
N LEU C 136 15.70 -13.41 -2.62
CA LEU C 136 14.47 -13.74 -1.91
C LEU C 136 13.79 -14.81 -2.73
N ASN C 137 13.66 -16.01 -2.17
CA ASN C 137 13.33 -17.18 -2.97
C ASN C 137 11.96 -17.77 -2.60
N ASN C 138 11.08 -17.89 -3.59
CA ASN C 138 9.80 -18.59 -3.48
C ASN C 138 8.94 -17.99 -2.37
N PHE C 139 8.39 -16.82 -2.67
CA PHE C 139 7.51 -16.13 -1.75
C PHE C 139 6.23 -15.74 -2.47
N TYR C 140 5.13 -15.61 -1.70
CA TYR C 140 3.85 -15.07 -2.18
C TYR C 140 3.23 -14.38 -0.98
N PRO C 141 2.61 -13.20 -1.15
CA PRO C 141 2.46 -12.40 -2.35
C PRO C 141 3.71 -11.61 -2.74
N ARG C 142 3.54 -10.91 -3.87
CA ARG C 142 4.62 -10.30 -4.64
C ARG C 142 5.32 -9.21 -3.86
N GLU C 143 4.57 -8.43 -3.12
CA GLU C 143 5.06 -7.21 -2.50
C GLU C 143 6.07 -7.56 -1.41
N ALA C 144 7.19 -6.85 -1.41
CA ALA C 144 8.26 -7.05 -0.45
C ALA C 144 9.16 -5.83 -0.48
N LYS C 145 9.72 -5.49 0.67
CA LYS C 145 10.63 -4.37 0.75
C LYS C 145 11.96 -4.95 1.14
N VAL C 146 13.03 -4.47 0.49
CA VAL C 146 14.37 -4.98 0.72
C VAL C 146 15.27 -3.80 1.02
N GLN C 147 15.88 -3.79 2.21
CA GLN C 147 16.71 -2.70 2.70
C GLN C 147 18.15 -3.16 2.78
N TRP C 148 19.08 -2.33 2.32
CA TRP C 148 20.49 -2.63 2.42
C TRP C 148 21.14 -1.82 3.52
N LYS C 149 21.95 -2.48 4.32
CA LYS C 149 22.69 -1.83 5.39
C LYS C 149 24.16 -2.18 5.21
N VAL C 150 25.00 -1.15 5.19
CA VAL C 150 26.45 -1.29 5.13
C VAL C 150 27.02 -0.65 6.39
N ASP C 151 27.63 -1.47 7.24
CA ASP C 151 28.15 -1.04 8.56
C ASP C 151 27.06 -0.32 9.34
N ASN C 152 25.86 -0.91 9.32
CA ASN C 152 24.66 -0.44 10.00
C ASN C 152 24.06 0.81 9.37
N ALA C 153 24.57 1.26 8.23
CA ALA C 153 24.09 2.46 7.57
C ALA C 153 23.14 2.10 6.42
N LEU C 154 22.02 2.80 6.34
CA LEU C 154 21.03 2.52 5.33
C LEU C 154 21.53 2.96 3.94
N GLN C 155 21.36 2.10 2.94
CA GLN C 155 21.75 2.44 1.58
C GLN C 155 20.55 3.01 0.83
N SER C 156 20.84 3.95 -0.07
CA SER C 156 19.83 4.47 -0.99
C SER C 156 20.50 4.87 -2.29
N GLY C 157 19.86 4.51 -3.42
CA GLY C 157 20.26 4.91 -4.76
C GLY C 157 21.11 3.91 -5.51
N ASN C 158 21.65 2.91 -4.83
CA ASN C 158 22.68 2.04 -5.38
C ASN C 158 22.23 0.59 -5.48
N SER C 159 20.92 0.32 -5.38
CA SER C 159 20.39 -1.02 -5.40
C SER C 159 19.51 -1.23 -6.62
N GLN C 160 19.50 -2.46 -7.16
CA GLN C 160 18.65 -2.79 -8.29
C GLN C 160 17.91 -4.09 -8.06
N GLU C 161 16.58 -4.04 -8.21
CA GLU C 161 15.69 -5.15 -7.94
C GLU C 161 15.25 -5.80 -9.24
N SER C 162 15.10 -7.12 -9.21
CA SER C 162 14.54 -7.83 -10.35
C SER C 162 13.72 -8.99 -9.82
N VAL C 163 12.59 -9.27 -10.47
CA VAL C 163 11.57 -10.21 -9.98
C VAL C 163 11.22 -11.17 -11.11
N THR C 164 11.11 -12.46 -10.79
CA THR C 164 10.65 -13.44 -11.76
C THR C 164 9.14 -13.32 -12.01
N GLU C 165 8.69 -13.94 -13.11
CA GLU C 165 7.27 -14.18 -13.25
C GLU C 165 6.88 -15.27 -12.27
N GLN C 166 5.63 -15.23 -11.85
CA GLN C 166 5.02 -16.31 -11.07
C GLN C 166 5.41 -17.69 -11.60
N ASP C 167 5.99 -18.51 -10.74
CA ASP C 167 6.48 -19.80 -11.18
C ASP C 167 5.32 -20.70 -11.56
N SER C 168 5.57 -21.67 -12.43
CA SER C 168 4.42 -22.42 -12.93
C SER C 168 4.06 -23.58 -12.02
N LYS C 169 5.01 -24.13 -11.28
CA LYS C 169 4.69 -25.22 -10.38
C LYS C 169 3.97 -24.70 -9.13
N ASP C 170 4.65 -23.84 -8.36
CA ASP C 170 4.16 -23.41 -7.06
C ASP C 170 3.61 -22.00 -7.05
N SER C 171 3.73 -21.26 -8.15
CA SER C 171 3.12 -19.94 -8.31
C SER C 171 3.74 -18.89 -7.39
N THR C 172 5.00 -19.05 -7.02
CA THR C 172 5.67 -18.05 -6.21
C THR C 172 6.53 -17.11 -7.06
N TYR C 173 6.84 -15.96 -6.49
CA TYR C 173 7.82 -15.06 -7.05
C TYR C 173 9.17 -15.26 -6.36
N SER C 174 10.23 -14.83 -7.04
CA SER C 174 11.57 -14.69 -6.48
C SER C 174 12.14 -13.35 -6.92
N LEU C 175 13.08 -12.84 -6.13
CA LEU C 175 13.55 -11.50 -6.33
C LEU C 175 15.03 -11.44 -6.04
N SER C 176 15.75 -10.67 -6.85
CA SER C 176 17.14 -10.34 -6.59
C SER C 176 17.23 -8.84 -6.35
N SER C 177 18.03 -8.48 -5.36
CA SER C 177 18.39 -7.11 -5.06
C SER C 177 19.90 -7.05 -5.14
N THR C 178 20.43 -6.23 -6.04
CA THR C 178 21.86 -6.20 -6.33
C THR C 178 22.39 -4.82 -5.96
N LEU C 179 23.30 -4.81 -5.00
CA LEU C 179 24.01 -3.61 -4.55
C LEU C 179 25.28 -3.47 -5.38
N THR C 180 25.45 -2.35 -6.06
CA THR C 180 26.59 -2.15 -6.95
C THR C 180 27.59 -1.16 -6.33
N LEU C 181 28.86 -1.54 -6.28
CA LEU C 181 29.84 -0.72 -5.58
C LEU C 181 31.19 -0.78 -6.29
N SER C 182 31.96 0.29 -6.16
CA SER C 182 33.36 0.30 -6.54
C SER C 182 34.14 -0.78 -5.79
N LYS C 183 35.22 -1.27 -6.42
CA LYS C 183 36.17 -2.10 -5.68
C LYS C 183 36.68 -1.35 -4.45
N ALA C 184 36.88 -0.05 -4.60
CA ALA C 184 37.27 0.77 -3.45
C ALA C 184 36.17 0.73 -2.39
N ASP C 185 34.99 1.24 -2.73
CA ASP C 185 33.94 1.38 -1.72
C ASP C 185 33.58 0.05 -1.08
N TYR C 186 33.73 -1.05 -1.79
CA TYR C 186 33.40 -2.33 -1.18
C TYR C 186 34.41 -2.67 -0.09
N GLU C 187 35.65 -2.24 -0.25
CA GLU C 187 36.70 -2.60 0.69
C GLU C 187 36.84 -1.65 1.86
N LYS C 188 36.30 -0.43 1.78
CA LYS C 188 36.22 0.40 2.96
C LYS C 188 35.31 -0.20 4.02
N HIS C 189 34.30 -0.91 3.61
CA HIS C 189 33.22 -1.25 4.51
C HIS C 189 33.33 -2.68 4.99
N LYS C 190 32.77 -2.93 6.16
CA LYS C 190 33.03 -4.18 6.87
C LYS C 190 31.85 -5.12 6.92
N VAL C 191 30.65 -4.63 7.25
CA VAL C 191 29.49 -5.49 7.47
C VAL C 191 28.40 -5.14 6.46
N TYR C 192 27.97 -6.14 5.68
CA TYR C 192 26.93 -5.95 4.67
C TYR C 192 25.70 -6.78 5.04
N ALA C 193 24.52 -6.16 5.00
CA ALA C 193 23.28 -6.91 5.29
C ALA C 193 22.13 -6.38 4.45
N CYS C 194 21.19 -7.26 4.11
CA CYS C 194 19.93 -6.81 3.52
C CYS C 194 18.78 -7.21 4.44
N GLU C 195 17.85 -6.29 4.66
CA GLU C 195 16.68 -6.54 5.49
C GLU C 195 15.46 -6.77 4.60
N VAL C 196 14.75 -7.85 4.86
CA VAL C 196 13.58 -8.24 4.08
C VAL C 196 12.35 -8.18 4.97
N THR C 197 11.37 -7.39 4.56
CA THR C 197 10.03 -7.35 5.14
C THR C 197 9.04 -8.05 4.21
N HIS C 198 8.28 -8.99 4.74
CA HIS C 198 7.29 -9.65 3.90
C HIS C 198 6.11 -10.06 4.75
N GLN C 199 4.91 -10.09 4.13
CA GLN C 199 3.71 -10.44 4.87
C GLN C 199 3.85 -11.81 5.54
N GLY C 200 4.54 -12.75 4.88
CA GLY C 200 4.74 -14.04 5.49
C GLY C 200 5.91 -14.14 6.43
N LEU C 201 6.61 -13.03 6.64
CA LEU C 201 7.68 -12.99 7.62
C LEU C 201 7.09 -12.37 8.88
N SER C 202 7.17 -13.12 9.99
CA SER C 202 6.64 -12.60 11.25
C SER C 202 7.33 -11.31 11.65
N SER C 203 8.65 -11.29 11.53
CA SER C 203 9.50 -10.15 11.80
C SER C 203 10.43 -9.97 10.61
N PRO C 204 10.89 -8.74 10.35
CA PRO C 204 11.91 -8.55 9.31
C PRO C 204 13.06 -9.53 9.45
N VAL C 205 13.59 -9.97 8.31
CA VAL C 205 14.67 -10.94 8.31
C VAL C 205 15.92 -10.22 7.82
N THR C 206 17.05 -10.53 8.42
CA THR C 206 18.29 -9.93 8.00
C THR C 206 19.31 -11.02 7.75
N LYS C 207 20.07 -10.88 6.67
CA LYS C 207 21.17 -11.78 6.39
C LYS C 207 22.40 -10.93 6.16
N SER C 208 23.50 -11.28 6.82
CA SER C 208 24.71 -10.48 6.87
C SER C 208 25.89 -11.34 6.45
N PHE C 209 26.93 -10.66 6.03
CA PHE C 209 28.25 -11.26 6.01
C PHE C 209 29.23 -10.18 6.45
N ASN C 210 30.37 -10.63 6.92
CA ASN C 210 31.52 -9.77 7.11
C ASN C 210 32.49 -10.08 5.99
N ARG C 211 33.08 -9.01 5.42
CA ARG C 211 33.94 -9.12 4.25
C ARG C 211 34.92 -10.30 4.28
N GLY C 212 35.70 -10.40 5.34
CA GLY C 212 36.81 -11.33 5.28
C GLY C 212 36.51 -12.81 5.45
N GLU C 213 35.25 -13.20 5.46
CA GLU C 213 34.90 -14.59 5.76
C GLU C 213 34.78 -15.47 4.52
N GLU D 1 -2.24 -25.72 -38.94
CA GLU D 1 -1.42 -25.90 -40.15
C GLU D 1 -0.74 -24.57 -40.54
N VAL D 2 -1.31 -23.47 -40.06
CA VAL D 2 -0.78 -22.15 -40.30
C VAL D 2 0.55 -21.97 -39.58
N GLN D 3 1.58 -21.55 -40.31
CA GLN D 3 2.84 -21.23 -39.68
C GLN D 3 3.43 -19.98 -40.32
N LEU D 4 4.02 -19.14 -39.47
CA LEU D 4 4.59 -17.85 -39.81
C LEU D 4 5.97 -17.73 -39.20
N VAL D 5 6.97 -17.43 -40.03
CA VAL D 5 8.35 -17.34 -39.58
C VAL D 5 8.91 -15.98 -39.95
N GLU D 6 9.07 -15.11 -38.96
CA GLU D 6 9.72 -13.84 -39.12
C GLU D 6 11.23 -14.04 -39.08
N SER D 7 11.95 -13.22 -39.80
CA SER D 7 13.40 -13.29 -39.77
C SER D 7 13.93 -11.94 -40.22
N GLY D 8 15.23 -11.73 -40.00
CA GLY D 8 15.87 -10.53 -40.43
C GLY D 8 16.19 -9.59 -39.30
N GLY D 9 15.72 -9.87 -38.10
CA GLY D 9 16.04 -9.05 -36.97
C GLY D 9 17.53 -9.03 -36.71
N GLY D 10 17.93 -8.07 -35.88
CA GLY D 10 19.31 -7.98 -35.43
C GLY D 10 19.57 -6.66 -34.72
N LEU D 11 20.84 -6.33 -34.59
CA LEU D 11 21.24 -5.10 -33.93
C LEU D 11 21.83 -4.14 -34.94
N VAL D 12 21.35 -2.89 -34.93
CA VAL D 12 21.81 -1.90 -35.91
C VAL D 12 21.92 -0.56 -35.21
N GLN D 13 22.68 0.34 -35.84
CA GLN D 13 22.86 1.66 -35.27
C GLN D 13 21.62 2.50 -35.49
N PRO D 14 21.35 3.46 -34.61
CA PRO D 14 20.34 4.47 -34.92
C PRO D 14 20.61 5.03 -36.30
N GLY D 15 19.56 5.17 -37.11
CA GLY D 15 19.71 5.59 -38.49
C GLY D 15 20.03 4.49 -39.47
N GLY D 16 20.32 3.28 -39.02
CA GLY D 16 20.55 2.20 -39.95
C GLY D 16 19.25 1.67 -40.58
N SER D 17 19.41 0.55 -41.29
CA SER D 17 18.39 -0.06 -42.14
C SER D 17 18.32 -1.56 -41.87
N LEU D 18 17.12 -2.12 -41.88
CA LEU D 18 16.93 -3.57 -41.80
C LEU D 18 15.73 -3.96 -42.65
N ARG D 19 15.76 -5.15 -43.22
CA ARG D 19 14.60 -5.67 -43.95
C ARG D 19 14.16 -6.97 -43.30
N LEU D 20 12.94 -6.96 -42.77
CA LEU D 20 12.36 -8.14 -42.17
C LEU D 20 11.56 -8.90 -43.22
N SER D 21 11.60 -10.22 -43.11
CA SER D 21 10.87 -11.13 -43.97
C SER D 21 9.94 -11.96 -43.10
N CYS D 22 8.80 -12.36 -43.66
CA CYS D 22 7.92 -13.26 -42.94
C CYS D 22 7.40 -14.29 -43.94
N ALA D 23 7.83 -15.54 -43.79
CA ALA D 23 7.40 -16.64 -44.67
C ALA D 23 6.11 -17.29 -44.17
N ALA D 24 5.07 -17.27 -44.99
CA ALA D 24 3.78 -17.79 -44.60
C ALA D 24 3.52 -19.15 -45.24
N SER D 25 2.95 -20.08 -44.47
CA SER D 25 2.58 -21.38 -44.98
C SER D 25 1.28 -21.86 -44.37
N GLY D 26 0.59 -22.73 -45.12
CA GLY D 26 -0.58 -23.37 -44.56
C GLY D 26 -1.85 -22.57 -44.68
N PHE D 27 -1.89 -21.59 -45.58
CA PHE D 27 -3.11 -20.85 -45.87
C PHE D 27 -2.92 -20.10 -47.18
N ALA D 28 -4.02 -19.64 -47.75
CA ALA D 28 -3.94 -19.03 -49.09
C ALA D 28 -3.45 -17.60 -48.89
N PHE D 29 -2.12 -17.47 -48.87
CA PHE D 29 -1.48 -16.23 -48.44
C PHE D 29 -2.08 -15.01 -49.11
N SER D 30 -2.18 -15.07 -50.44
CA SER D 30 -2.43 -13.89 -51.24
C SER D 30 -3.87 -13.41 -51.19
N THR D 31 -4.79 -14.15 -50.54
CA THR D 31 -6.17 -13.69 -50.43
C THR D 31 -6.40 -12.86 -49.19
N TYR D 32 -5.37 -12.60 -48.36
CA TYR D 32 -5.52 -11.99 -47.05
C TYR D 32 -4.66 -10.75 -46.87
N ASP D 33 -5.22 -9.71 -46.28
CA ASP D 33 -4.42 -8.68 -45.64
C ASP D 33 -3.34 -9.29 -44.73
N MET D 34 -2.16 -8.65 -44.69
CA MET D 34 -1.03 -8.99 -43.83
C MET D 34 -0.56 -7.75 -43.10
N SER D 35 -0.14 -7.95 -41.83
CA SER D 35 0.22 -6.89 -40.92
C SER D 35 1.51 -7.21 -40.19
N TRP D 36 2.18 -6.15 -39.76
CA TRP D 36 3.28 -6.26 -38.79
C TRP D 36 2.86 -5.58 -37.49
N VAL D 37 3.15 -6.27 -36.38
CA VAL D 37 2.90 -5.78 -35.03
C VAL D 37 4.21 -5.89 -34.26
N ARG D 38 4.44 -4.94 -33.36
CA ARG D 38 5.67 -5.03 -32.61
C ARG D 38 5.38 -4.87 -31.14
N GLN D 39 6.32 -5.31 -30.34
CA GLN D 39 6.15 -5.31 -28.89
C GLN D 39 7.49 -4.98 -28.32
N ALA D 40 7.62 -3.75 -27.83
CA ALA D 40 8.85 -3.33 -27.16
C ALA D 40 9.07 -4.16 -25.90
N PRO D 41 10.35 -4.34 -25.49
CA PRO D 41 10.69 -5.34 -24.46
C PRO D 41 9.79 -5.40 -23.22
N GLY D 42 9.45 -4.29 -22.62
CA GLY D 42 8.54 -4.48 -21.53
C GLY D 42 7.09 -4.16 -21.77
N LYS D 43 6.68 -3.82 -22.97
CA LYS D 43 5.43 -3.08 -23.04
C LYS D 43 4.40 -3.88 -23.82
N GLY D 44 3.31 -3.22 -24.23
CA GLY D 44 2.23 -3.90 -24.94
C GLY D 44 2.42 -4.04 -26.46
N LEU D 45 1.41 -4.60 -27.10
CA LEU D 45 1.44 -4.74 -28.56
C LEU D 45 1.14 -3.40 -29.24
N GLU D 46 1.78 -3.19 -30.40
CA GLU D 46 1.62 -1.96 -31.18
C GLU D 46 1.57 -2.31 -32.66
N TRP D 47 0.47 -1.98 -33.32
CA TRP D 47 0.37 -2.21 -34.76
C TRP D 47 1.31 -1.27 -35.50
N VAL D 48 1.99 -1.78 -36.52
CA VAL D 48 2.95 -1.01 -37.33
C VAL D 48 2.41 -0.71 -38.74
N ALA D 49 2.01 -1.75 -39.47
CA ALA D 49 1.58 -1.54 -40.83
C ALA D 49 0.69 -2.70 -41.26
N THR D 50 -0.12 -2.43 -42.28
CA THR D 50 -0.96 -3.42 -42.94
C THR D 50 -0.90 -3.18 -44.45
N ILE D 51 -0.81 -4.28 -45.20
CA ILE D 51 -0.95 -4.25 -46.65
C ILE D 51 -2.16 -5.10 -47.04
N SER D 52 -2.94 -4.61 -47.99
CA SER D 52 -4.08 -5.35 -48.49
C SER D 52 -3.61 -6.57 -49.24
N SER D 53 -4.56 -7.48 -49.47
CA SER D 53 -4.25 -8.79 -50.04
C SER D 53 -3.59 -8.69 -51.40
N GLY D 54 -4.11 -7.82 -52.26
CA GLY D 54 -3.55 -7.67 -53.58
C GLY D 54 -2.35 -6.76 -53.61
N GLY D 55 -1.95 -6.24 -52.47
CA GLY D 55 -0.81 -5.35 -52.43
C GLY D 55 -1.10 -3.91 -52.81
N SER D 56 -2.37 -3.54 -53.06
CA SER D 56 -2.70 -2.23 -53.61
C SER D 56 -2.76 -1.12 -52.55
N TYR D 57 -3.08 -1.44 -51.32
CA TYR D 57 -3.18 -0.41 -50.29
C TYR D 57 -2.30 -0.79 -49.12
N THR D 58 -1.68 0.22 -48.51
CA THR D 58 -0.82 0.07 -47.36
C THR D 58 -1.24 1.09 -46.30
N TYR D 59 -1.10 0.69 -45.04
CA TYR D 59 -1.42 1.57 -43.91
C TYR D 59 -0.30 1.52 -42.89
N TYR D 60 0.02 2.68 -42.33
CA TYR D 60 1.17 2.81 -41.45
C TYR D 60 0.80 3.60 -40.21
N LEU D 61 1.33 3.15 -39.08
CA LEU D 61 1.43 3.99 -37.90
C LEU D 61 2.18 5.29 -38.22
N ASP D 62 1.73 6.41 -37.68
CA ASP D 62 2.29 7.68 -38.13
C ASP D 62 3.76 7.82 -37.76
N SER D 63 4.20 7.22 -36.65
CA SER D 63 5.62 7.37 -36.35
C SER D 63 6.52 6.53 -37.26
N VAL D 64 5.99 5.73 -38.19
CA VAL D 64 6.85 5.03 -39.14
C VAL D 64 6.56 5.36 -40.61
N LYS D 65 5.57 6.22 -40.91
CA LYS D 65 5.27 6.58 -42.31
C LYS D 65 6.51 7.19 -42.94
N GLY D 66 6.75 6.84 -44.19
CA GLY D 66 8.01 7.30 -44.82
C GLY D 66 9.25 6.49 -44.53
N ARG D 67 9.50 6.15 -43.25
CA ARG D 67 10.67 5.37 -42.87
C ARG D 67 10.49 3.88 -43.19
N PHE D 68 9.28 3.36 -43.03
CA PHE D 68 9.00 1.93 -43.18
C PHE D 68 8.17 1.69 -44.43
N THR D 69 8.40 0.54 -45.05
CA THR D 69 7.61 0.12 -46.19
C THR D 69 7.24 -1.34 -46.01
N ILE D 70 5.94 -1.62 -45.91
CA ILE D 70 5.43 -2.99 -45.96
C ILE D 70 5.17 -3.39 -47.42
N SER D 71 5.61 -4.59 -47.81
CA SER D 71 5.37 -5.13 -49.14
C SER D 71 5.19 -6.65 -49.06
N ARG D 72 4.73 -7.25 -50.16
CA ARG D 72 4.51 -8.69 -50.20
C ARG D 72 4.82 -9.21 -51.59
N ASP D 73 5.18 -10.49 -51.66
CA ASP D 73 5.50 -11.16 -52.92
C ASP D 73 4.64 -12.43 -53.01
N SER D 74 3.64 -12.40 -53.89
CA SER D 74 2.76 -13.56 -54.03
C SER D 74 3.51 -14.77 -54.54
N SER D 75 4.48 -14.55 -55.42
CA SER D 75 5.32 -15.64 -55.93
C SER D 75 6.04 -16.37 -54.82
N LYS D 76 6.24 -15.72 -53.67
CA LYS D 76 7.04 -16.32 -52.60
C LYS D 76 6.25 -16.54 -51.30
N ASN D 77 4.98 -16.15 -51.24
CA ASN D 77 4.22 -16.23 -50.01
C ASN D 77 4.98 -15.60 -48.85
N THR D 78 5.61 -14.47 -49.09
CA THR D 78 6.40 -13.81 -48.07
C THR D 78 5.98 -12.35 -47.96
N LEU D 79 5.87 -11.89 -46.72
CA LEU D 79 5.66 -10.48 -46.39
C LEU D 79 7.01 -9.88 -46.05
N TYR D 80 7.13 -8.56 -46.25
CA TYR D 80 8.37 -7.86 -46.00
C TYR D 80 8.12 -6.59 -45.19
N LEU D 81 9.12 -6.19 -44.41
CA LEU D 81 9.08 -4.87 -43.82
C LEU D 81 10.45 -4.26 -44.00
N GLN D 82 10.54 -3.19 -44.77
CA GLN D 82 11.79 -2.48 -45.00
C GLN D 82 11.80 -1.33 -44.01
N MET D 83 12.74 -1.35 -43.08
CA MET D 83 12.79 -0.39 -41.98
C MET D 83 13.99 0.50 -42.22
N ASN D 84 13.77 1.80 -42.22
CA ASN D 84 14.85 2.75 -42.46
C ASN D 84 14.85 3.80 -41.37
N SER D 85 15.95 4.57 -41.33
CA SER D 85 16.16 5.58 -40.29
C SER D 85 15.76 5.04 -38.93
N LEU D 86 16.22 3.82 -38.63
CA LEU D 86 15.78 3.16 -37.41
C LEU D 86 16.04 4.02 -36.17
N ARG D 87 15.10 4.02 -35.23
CA ARG D 87 15.24 4.73 -33.97
C ARG D 87 15.40 3.74 -32.83
N ALA D 88 16.04 4.19 -31.75
CA ALA D 88 16.10 3.36 -30.55
C ALA D 88 14.71 2.89 -30.15
N GLU D 89 13.71 3.76 -30.25
CA GLU D 89 12.34 3.41 -29.91
C GLU D 89 11.71 2.40 -30.88
N ASP D 90 12.38 1.99 -31.97
CA ASP D 90 11.89 0.92 -32.83
C ASP D 90 12.25 -0.45 -32.30
N THR D 91 13.07 -0.51 -31.25
CA THR D 91 13.53 -1.78 -30.70
C THR D 91 12.36 -2.63 -30.20
N ALA D 92 12.21 -3.83 -30.74
CA ALA D 92 11.03 -4.61 -30.40
C ALA D 92 11.16 -5.99 -31.02
N VAL D 93 10.30 -6.89 -30.56
CA VAL D 93 9.99 -8.10 -31.29
C VAL D 93 8.98 -7.73 -32.36
N TYR D 94 9.21 -8.16 -33.59
CA TYR D 94 8.34 -7.86 -34.74
C TYR D 94 7.62 -9.14 -35.19
N TYR D 95 6.28 -9.11 -35.18
CA TYR D 95 5.44 -10.23 -35.59
C TYR D 95 4.69 -9.91 -36.88
N CYS D 96 4.61 -10.88 -37.78
CA CYS D 96 3.73 -10.74 -38.94
C CYS D 96 2.53 -11.64 -38.71
N ALA D 97 1.41 -11.26 -39.26
CA ALA D 97 0.18 -11.96 -38.94
C ALA D 97 -0.91 -11.58 -39.96
N PRO D 98 -1.60 -12.55 -40.54
CA PRO D 98 -2.68 -12.25 -41.48
C PRO D 98 -3.95 -11.79 -40.80
N THR D 99 -4.76 -11.06 -41.55
CA THR D 99 -6.11 -10.76 -41.15
C THR D 99 -7.01 -11.74 -41.87
N THR D 100 -7.84 -12.47 -41.11
CA THR D 100 -8.87 -13.28 -41.73
C THR D 100 -10.18 -12.58 -41.43
N VAL D 101 -11.00 -13.19 -40.57
CA VAL D 101 -12.13 -12.50 -39.94
C VAL D 101 -11.67 -11.61 -38.79
N VAL D 102 -10.43 -11.80 -38.36
CA VAL D 102 -9.88 -11.04 -37.25
C VAL D 102 -8.48 -10.56 -37.61
N PRO D 103 -8.08 -9.36 -37.23
CA PRO D 103 -6.66 -9.01 -37.36
C PRO D 103 -5.82 -10.02 -36.60
N PHE D 104 -4.64 -10.31 -37.13
CA PHE D 104 -3.61 -10.98 -36.35
C PHE D 104 -4.11 -12.35 -35.92
N ALA D 105 -4.72 -13.08 -36.85
CA ALA D 105 -5.41 -14.31 -36.50
C ALA D 105 -4.46 -15.40 -36.02
N TYR D 106 -3.26 -15.45 -36.57
CA TYR D 106 -2.20 -16.35 -36.12
C TYR D 106 -0.90 -15.57 -36.08
N TRP D 107 -0.03 -15.92 -35.15
CA TRP D 107 1.20 -15.17 -34.94
C TRP D 107 2.38 -16.11 -35.06
N GLY D 108 3.44 -15.65 -35.71
CA GLY D 108 4.71 -16.32 -35.57
C GLY D 108 5.38 -16.03 -34.24
N GLN D 109 6.57 -16.58 -34.08
CA GLN D 109 7.39 -16.34 -32.90
C GLN D 109 8.02 -14.95 -32.87
N GLY D 110 8.12 -14.26 -34.01
CA GLY D 110 8.68 -12.93 -34.04
C GLY D 110 10.19 -12.91 -34.21
N THR D 111 10.70 -11.70 -34.45
CA THR D 111 12.12 -11.47 -34.69
C THR D 111 12.49 -10.19 -33.95
N LEU D 112 13.61 -10.28 -33.24
CA LEU D 112 14.07 -9.23 -32.34
C LEU D 112 14.93 -8.26 -33.12
N VAL D 113 14.55 -6.99 -33.04
CA VAL D 113 15.28 -5.87 -33.63
C VAL D 113 15.72 -4.97 -32.48
N THR D 114 17.03 -4.68 -32.42
CA THR D 114 17.63 -3.79 -31.42
C THR D 114 18.39 -2.65 -32.11
N VAL D 115 18.03 -1.42 -31.78
CA VAL D 115 18.62 -0.24 -32.39
C VAL D 115 19.31 0.54 -31.29
N SER D 116 20.63 0.61 -31.33
CA SER D 116 21.42 1.28 -30.31
C SER D 116 22.78 1.67 -30.89
N SER D 117 23.39 2.70 -30.33
CA SER D 117 24.76 2.97 -30.77
C SER D 117 25.79 2.09 -30.05
N ALA D 118 25.41 1.39 -29.00
CA ALA D 118 26.37 0.61 -28.25
C ALA D 118 26.80 -0.62 -29.04
N SER D 119 28.09 -0.92 -28.97
N SER D 119 28.08 -0.94 -28.93
CA SER D 119 28.65 -2.09 -29.64
CA SER D 119 28.65 -2.08 -29.63
C SER D 119 28.25 -3.36 -28.90
C SER D 119 28.35 -3.37 -28.86
N THR D 120 28.50 -4.49 -29.56
CA THR D 120 28.26 -5.79 -28.93
C THR D 120 29.29 -6.04 -27.84
N LYS D 121 28.90 -6.79 -26.81
CA LYS D 121 29.82 -7.09 -25.72
C LYS D 121 29.35 -8.35 -25.01
N GLY D 122 30.16 -9.39 -25.02
CA GLY D 122 29.86 -10.58 -24.28
C GLY D 122 30.03 -10.33 -22.79
N PRO D 123 29.31 -11.10 -22.00
CA PRO D 123 29.25 -10.85 -20.57
C PRO D 123 30.49 -11.37 -19.85
N SER D 124 30.61 -10.95 -18.59
CA SER D 124 31.46 -11.59 -17.62
C SER D 124 30.60 -12.44 -16.70
N VAL D 125 31.08 -13.63 -16.39
CA VAL D 125 30.38 -14.54 -15.51
C VAL D 125 31.17 -14.68 -14.22
N PHE D 126 30.49 -14.47 -13.08
CA PHE D 126 31.04 -14.40 -11.74
C PHE D 126 30.29 -15.39 -10.86
N PRO D 127 31.00 -16.18 -10.06
CA PRO D 127 30.33 -17.12 -9.17
C PRO D 127 29.58 -16.42 -8.03
N LEU D 128 28.48 -17.03 -7.60
CA LEU D 128 27.77 -16.63 -6.40
C LEU D 128 27.76 -17.84 -5.49
N ALA D 129 28.80 -17.93 -4.62
CA ALA D 129 29.05 -19.10 -3.76
C ALA D 129 28.17 -19.05 -2.52
N PRO D 130 27.76 -20.21 -2.02
CA PRO D 130 27.08 -20.25 -0.72
C PRO D 130 28.06 -19.96 0.40
N SER D 131 27.52 -19.56 1.55
CA SER D 131 28.35 -19.37 2.73
C SER D 131 28.65 -20.74 3.35
N GLY D 138 19.82 -27.14 5.80
CA GLY D 138 18.86 -27.77 4.92
C GLY D 138 19.08 -27.47 3.44
N THR D 139 18.64 -26.28 3.02
CA THR D 139 18.72 -25.80 1.64
C THR D 139 19.74 -24.68 1.50
N ALA D 140 20.65 -24.83 0.56
CA ALA D 140 21.62 -23.81 0.18
C ALA D 140 21.23 -23.18 -1.14
N ALA D 141 21.93 -22.10 -1.49
CA ALA D 141 21.69 -21.41 -2.74
C ALA D 141 23.00 -20.87 -3.26
N LEU D 142 23.15 -20.87 -4.58
CA LEU D 142 24.35 -20.38 -5.24
C LEU D 142 23.94 -19.96 -6.64
N GLY D 143 24.82 -19.24 -7.32
CA GLY D 143 24.52 -18.86 -8.68
C GLY D 143 25.65 -18.14 -9.37
N CYS D 144 25.28 -17.47 -10.48
CA CYS D 144 26.20 -16.74 -11.35
C CYS D 144 25.68 -15.34 -11.59
N LEU D 145 26.58 -14.39 -11.61
CA LEU D 145 26.27 -13.03 -11.99
C LEU D 145 26.77 -12.87 -13.42
N VAL D 146 25.88 -12.50 -14.34
CA VAL D 146 26.24 -12.34 -15.73
C VAL D 146 26.16 -10.84 -16.02
N LYS D 147 27.31 -10.23 -16.20
CA LYS D 147 27.46 -8.80 -16.02
C LYS D 147 28.06 -8.15 -17.26
N ASP D 148 27.50 -7.01 -17.62
CA ASP D 148 28.09 -6.09 -18.59
C ASP D 148 28.07 -6.67 -20.01
N TYR D 149 26.89 -7.11 -20.45
CA TYR D 149 26.75 -7.60 -21.81
C TYR D 149 25.72 -6.76 -22.56
N PHE D 150 25.76 -6.87 -23.91
CA PHE D 150 24.90 -6.18 -24.84
C PHE D 150 24.94 -6.88 -26.20
N PRO D 151 23.80 -7.06 -26.90
CA PRO D 151 22.45 -6.73 -26.47
C PRO D 151 21.80 -7.90 -25.74
N GLU D 152 20.53 -7.77 -25.41
CA GLU D 152 19.77 -8.95 -25.11
C GLU D 152 19.72 -9.82 -26.36
N PRO D 153 19.56 -11.13 -26.20
CA PRO D 153 19.42 -11.92 -24.99
C PRO D 153 20.60 -12.81 -24.61
N VAL D 154 20.64 -13.25 -23.35
CA VAL D 154 21.47 -14.39 -22.94
C VAL D 154 20.55 -15.50 -22.49
N THR D 155 21.01 -16.75 -22.65
CA THR D 155 20.43 -17.89 -21.97
C THR D 155 21.42 -18.41 -20.95
N VAL D 156 20.89 -19.04 -19.90
CA VAL D 156 21.69 -19.60 -18.83
C VAL D 156 21.11 -20.95 -18.49
N SER D 157 21.97 -21.96 -18.34
CA SER D 157 21.54 -23.28 -17.90
C SER D 157 22.43 -23.74 -16.74
N TRP D 158 22.03 -24.81 -16.07
CA TRP D 158 22.83 -25.29 -14.95
C TRP D 158 23.25 -26.73 -15.19
N ASN D 159 24.56 -26.98 -15.10
CA ASN D 159 25.12 -28.31 -15.34
C ASN D 159 24.73 -28.84 -16.72
N SER D 160 24.76 -27.93 -17.71
CA SER D 160 24.35 -28.21 -19.09
C SER D 160 22.97 -28.87 -19.16
N GLY D 161 22.00 -28.28 -18.46
CA GLY D 161 20.61 -28.65 -18.63
C GLY D 161 20.03 -29.73 -17.73
N ALA D 162 20.84 -30.32 -16.83
CA ALA D 162 20.36 -31.35 -15.91
C ALA D 162 19.76 -30.83 -14.61
N LEU D 163 20.18 -29.64 -14.16
CA LEU D 163 19.74 -29.07 -12.89
C LEU D 163 18.67 -28.02 -13.12
N THR D 164 17.44 -28.33 -12.72
CA THR D 164 16.33 -27.51 -13.16
C THR D 164 15.53 -26.84 -12.05
N SER D 165 14.98 -27.55 -11.06
CA SER D 165 14.17 -26.79 -10.11
C SER D 165 15.07 -25.94 -9.20
N GLY D 166 14.44 -24.90 -8.65
CA GLY D 166 15.19 -23.86 -7.94
C GLY D 166 16.19 -23.16 -8.81
N VAL D 167 16.06 -23.29 -10.14
CA VAL D 167 16.72 -22.39 -11.04
C VAL D 167 15.75 -21.24 -11.30
N HIS D 168 16.26 -20.03 -11.10
CA HIS D 168 15.54 -18.80 -11.34
C HIS D 168 16.55 -17.93 -12.06
N THR D 169 16.30 -17.65 -13.32
CA THR D 169 17.11 -16.72 -14.09
C THR D 169 16.38 -15.40 -14.10
N PHE D 170 16.94 -14.40 -13.45
CA PHE D 170 16.18 -13.16 -13.28
C PHE D 170 16.22 -12.30 -14.55
N PRO D 171 15.14 -11.55 -14.82
CA PRO D 171 15.16 -10.61 -15.94
C PRO D 171 16.34 -9.67 -15.86
N ALA D 172 16.92 -9.38 -17.01
CA ALA D 172 18.07 -8.51 -17.05
C ALA D 172 17.65 -7.08 -16.79
N VAL D 173 18.53 -6.33 -16.16
CA VAL D 173 18.33 -4.92 -15.90
C VAL D 173 19.47 -4.19 -16.55
N LEU D 174 19.16 -3.05 -17.12
CA LEU D 174 20.15 -2.23 -17.80
C LEU D 174 20.86 -1.37 -16.75
N GLN D 175 22.17 -1.45 -16.73
CA GLN D 175 22.96 -0.72 -15.74
C GLN D 175 23.22 0.68 -16.21
N SER D 176 23.75 1.49 -15.29
CA SER D 176 24.11 2.87 -15.60
C SER D 176 25.12 2.96 -16.72
N SER D 177 25.91 1.90 -16.92
CA SER D 177 26.81 1.82 -18.06
C SER D 177 26.10 1.53 -19.39
N GLY D 178 24.78 1.33 -19.40
CA GLY D 178 24.11 0.94 -20.62
C GLY D 178 24.31 -0.51 -21.00
N LEU D 179 24.95 -1.29 -20.15
CA LEU D 179 25.11 -2.72 -20.35
C LEU D 179 24.19 -3.49 -19.40
N TYR D 180 23.86 -4.72 -19.78
CA TYR D 180 22.90 -5.49 -19.00
C TYR D 180 23.60 -6.36 -17.96
N SER D 181 22.81 -6.82 -17.00
CA SER D 181 23.24 -7.69 -15.93
C SER D 181 22.03 -8.46 -15.41
N LEU D 182 22.19 -9.75 -15.19
CA LEU D 182 21.18 -10.52 -14.49
C LEU D 182 21.90 -11.54 -13.62
N SER D 183 21.14 -12.23 -12.78
CA SER D 183 21.65 -13.36 -12.02
C SER D 183 20.77 -14.55 -12.25
N SER D 184 21.41 -15.71 -12.27
CA SER D 184 20.75 -16.99 -12.23
C SER D 184 21.15 -17.65 -10.91
N VAL D 185 20.19 -18.21 -10.19
CA VAL D 185 20.46 -18.75 -8.87
C VAL D 185 19.78 -20.11 -8.78
N VAL D 186 20.33 -20.96 -7.92
CA VAL D 186 19.74 -22.28 -7.68
C VAL D 186 19.85 -22.62 -6.19
N THR D 187 18.81 -23.27 -5.68
CA THR D 187 18.77 -23.79 -4.33
C THR D 187 18.91 -25.30 -4.39
N VAL D 188 19.94 -25.81 -3.72
CA VAL D 188 20.35 -27.22 -3.73
C VAL D 188 20.32 -27.73 -2.30
N PRO D 189 20.47 -29.04 -2.06
CA PRO D 189 20.65 -29.50 -0.69
C PRO D 189 22.01 -29.11 -0.11
N SER D 190 21.96 -28.70 1.16
CA SER D 190 23.18 -28.43 1.90
C SER D 190 24.04 -29.69 2.00
N SER D 191 23.42 -30.87 2.05
CA SER D 191 24.15 -32.11 2.35
C SER D 191 25.19 -32.45 1.28
N SER D 192 24.80 -32.37 0.01
CA SER D 192 25.68 -32.74 -1.09
C SER D 192 26.51 -31.57 -1.59
N LEU D 193 26.12 -30.34 -1.27
CA LEU D 193 26.89 -29.13 -1.61
C LEU D 193 28.31 -29.32 -1.10
N GLY D 194 29.29 -29.46 -2.00
CA GLY D 194 30.55 -29.99 -1.54
C GLY D 194 30.92 -31.27 -2.26
N THR D 195 29.94 -32.14 -2.52
CA THR D 195 30.17 -33.33 -3.34
C THR D 195 29.62 -33.23 -4.75
N GLN D 196 28.83 -32.20 -5.08
CA GLN D 196 28.22 -32.10 -6.39
C GLN D 196 28.94 -31.09 -7.29
N THR D 197 28.75 -31.28 -8.61
CA THR D 197 29.26 -30.39 -9.65
C THR D 197 28.22 -29.31 -9.97
N TYR D 198 28.62 -28.03 -9.91
CA TYR D 198 27.72 -26.90 -10.17
C TYR D 198 28.39 -25.91 -11.11
N ILE D 199 27.97 -25.94 -12.36
CA ILE D 199 28.45 -25.04 -13.42
C ILE D 199 27.26 -24.36 -14.06
N CYS D 200 27.32 -23.05 -14.15
CA CYS D 200 26.36 -22.31 -14.94
C CYS D 200 26.96 -22.14 -16.34
N ASN D 201 26.13 -22.38 -17.34
CA ASN D 201 26.51 -22.32 -18.74
C ASN D 201 25.72 -21.15 -19.30
N VAL D 202 26.43 -20.08 -19.61
CA VAL D 202 25.82 -18.88 -20.17
C VAL D 202 26.08 -18.86 -21.67
N ASN D 203 25.03 -18.56 -22.42
CA ASN D 203 25.06 -18.53 -23.88
C ASN D 203 24.62 -17.14 -24.32
N HIS D 204 25.51 -16.41 -24.97
CA HIS D 204 25.22 -15.10 -25.53
C HIS D 204 25.45 -15.14 -27.05
N LYS D 205 24.44 -15.60 -27.80
CA LYS D 205 24.53 -15.62 -29.26
C LYS D 205 25.02 -14.31 -29.86
N PRO D 206 24.42 -13.14 -29.56
CA PRO D 206 24.84 -11.91 -30.24
C PRO D 206 26.34 -11.64 -30.25
N SER D 207 27.08 -11.94 -29.17
CA SER D 207 28.51 -11.75 -29.16
C SER D 207 29.29 -13.04 -29.47
N ASN D 208 28.60 -14.11 -29.83
CA ASN D 208 29.21 -15.44 -30.00
C ASN D 208 30.01 -15.88 -28.77
N THR D 209 29.40 -15.82 -27.60
CA THR D 209 30.10 -16.12 -26.36
C THR D 209 29.45 -17.29 -25.65
N LYS D 210 30.29 -18.27 -25.30
CA LYS D 210 29.96 -19.34 -24.38
C LYS D 210 30.96 -19.28 -23.24
N VAL D 211 30.43 -19.40 -22.02
CA VAL D 211 31.22 -19.40 -20.80
C VAL D 211 30.61 -20.43 -19.89
N ASP D 212 31.43 -21.29 -19.33
CA ASP D 212 30.99 -22.16 -18.27
C ASP D 212 31.77 -21.79 -17.04
N LYS D 213 31.10 -21.83 -15.89
CA LYS D 213 31.80 -21.31 -14.74
C LYS D 213 31.53 -22.26 -13.59
N LYS D 214 32.59 -22.71 -12.94
CA LYS D 214 32.42 -23.49 -11.72
C LYS D 214 32.12 -22.56 -10.57
N VAL D 215 31.08 -22.90 -9.82
CA VAL D 215 30.73 -22.21 -8.59
C VAL D 215 30.93 -23.20 -7.44
N GLU D 216 31.98 -22.96 -6.66
CA GLU D 216 32.35 -23.79 -5.53
C GLU D 216 32.45 -22.93 -4.29
N PRO D 217 32.32 -23.53 -3.08
CA PRO D 217 32.29 -22.79 -1.82
C PRO D 217 33.62 -22.12 -1.44
#